data_3QUX
#
_entry.id   3QUX
#
_cell.length_a   78.502
_cell.length_b   189.919
_cell.length_c   150.801
_cell.angle_alpha   90.00
_cell.angle_beta   90.00
_cell.angle_gamma   90.00
#
_symmetry.space_group_name_H-M   'C 2 2 21'
#
loop_
_entity.id
_entity.type
_entity.pdbx_description
1 polymer 'Antigen-presenting glycoprotein CD1d1'
2 polymer 'Beta-2 microglobulin'
3 polymer 'Valpha14 (mouse variable domain, human constant domain)'
4 polymer 'Vbeta8.2 (mouse variable domain, human constant domain)'
5 branched 2-acetamido-2-deoxy-beta-D-glucopyranose-(1-4)-[alpha-L-fucopyranose-(1-6)]2-acetamido-2-deoxy-beta-D-glucopyranose
6 non-polymer 2-acetamido-2-deoxy-beta-D-glucopyranose
7 non-polymer N-[(3S,4S,5R)-4,5-dihydroxy-1-[(2R,3R,4R,5R,6R)-3,4,5-trihydroxy-6-(hydroxymethyl)oxan-2-yl]nonadecan-3-yl]hexacosanamide
#
loop_
_entity_poly.entity_id
_entity_poly.type
_entity_poly.pdbx_seq_one_letter_code
_entity_poly.pdbx_strand_id
1 'polypeptide(L)'
;SEAQQKNYTFRCLQMSSFANRSWSRTDSVVWLGDLQTHRWSNDSATISFTKPWSQGKLSNQQWEKLQHMFQVYRVSFTRD
IQELVKMMSPKEDYPIEIQLSAGCEMYPGNASESFLHVAFQGKYVVRFWGTSWQTVPGAPSWLDLPIKVLNADQGTSATV
QMLLNDTCPLFVRGLLEAGKSDLEKQEKPVAWLSSVPSSAHGHRQLVCHVSGFYPKPVWVMWMRGDQEQQGTHRGDFLPN
ADETWYLQATLDVEAGEEAGLACRVKHSSLGGQDIILYWHHHHHH
;
A
2 'polypeptide(L)'
;IQKTPQIQVYSRHPPENGKPNILNCYVTQFHPPHIEIQMLKNGKKIPKVEMSDMSFSKDWSFYILAHTEFTPTETDTYAC
RVKHASMAEPKTVYWDRDM
;
B
3 'polypeptide(L)'
;MKTQVEQSPQSLVVRQGENCVLQCNYSVTPDNHLRWFKQDTGKGLVSLTVLVDQKDKTSNGRYSATLDKDAKHSTLHITA
TLLDDTATYICVVGDRGSALGRLHFGAGTQLIVIPDIQNPDPAVYQLRDSKSSDKSVCLFTDFDSQTNVSQSKDSDVYIT
DKCVLDMRSMDFKSNSAVAWSNKSDFACANAFNNSIIPEDTFFPSPESS
;
C
4 'polypeptide(L)'
;MEAAVTQSPRNKVAVTGGKVTLSCNQTNNHNNMYWYRQDTGHGLRLIHYSYGAGSTEKGDIPDGYKASRPSQENFSLILE
LATPSQTSVYFCASGDEGYTQYFGPGTRLLVLEDLRNVTPPKVSLFEPSKAEISHTQKATLVCLATGFYPDHVELSWWVN
GKEVHSGVCTDPQPLKEQPALNDSRYSLSSRLRVSATFWQNPRNHFRCQVQFYGLSENDEWTQDRAKPVTQIVSAEAWGR
A
;
D
#
loop_
_chem_comp.id
_chem_comp.type
_chem_comp.name
_chem_comp.formula
FUC L-saccharide, alpha linking alpha-L-fucopyranose 'C6 H12 O5'
NAG D-saccharide, beta linking 2-acetamido-2-deoxy-beta-D-glucopyranose 'C8 H15 N O6'
QUX non-polymer N-[(3S,4S,5R)-4,5-dihydroxy-1-[(2R,3R,4R,5R,6R)-3,4,5-trihydroxy-6-(hydroxymethyl)oxan-2-yl]nonadecan-3-yl]hexacosanamide 'C51 H101 N O8'
#
# COMPACT_ATOMS: atom_id res chain seq x y z
N ASN A 7 -29.69 8.87 -30.70
CA ASN A 7 -29.24 8.54 -29.30
C ASN A 7 -28.29 7.34 -29.22
N TYR A 8 -27.13 7.55 -28.61
CA TYR A 8 -26.11 6.51 -28.53
C TYR A 8 -25.67 6.27 -27.11
N THR A 9 -25.53 4.99 -26.74
CA THR A 9 -24.99 4.64 -25.43
C THR A 9 -23.55 4.12 -25.54
N PHE A 10 -22.66 4.79 -24.83
CA PHE A 10 -21.29 4.35 -24.71
C PHE A 10 -21.13 3.47 -23.46
N ARG A 11 -20.68 2.24 -23.65
CA ARG A 11 -20.50 1.29 -22.54
C ARG A 11 -19.09 0.75 -22.41
N CYS A 12 -18.53 0.87 -21.21
CA CYS A 12 -17.31 0.17 -20.87
C CYS A 12 -17.72 -0.93 -19.92
N LEU A 13 -17.51 -2.16 -20.33
CA LEU A 13 -17.98 -3.29 -19.56
C LEU A 13 -16.80 -4.03 -18.99
N GLN A 14 -16.71 -4.10 -17.67
CA GLN A 14 -15.61 -4.81 -17.00
C GLN A 14 -16.07 -6.13 -16.36
N MET A 15 -15.26 -7.17 -16.50
CA MET A 15 -15.51 -8.42 -15.79
C MET A 15 -14.25 -8.77 -15.05
N SER A 16 -14.39 -9.00 -13.75
CA SER A 16 -13.26 -9.46 -12.99
C SER A 16 -13.67 -10.69 -12.19
N SER A 17 -12.86 -11.72 -12.28
CA SER A 17 -13.12 -12.95 -11.55
C SER A 17 -11.98 -13.24 -10.58
N PHE A 18 -12.33 -13.47 -9.32
CA PHE A 18 -11.36 -13.78 -8.30
C PHE A 18 -11.64 -15.18 -7.74
N ALA A 19 -10.82 -16.14 -8.15
CA ALA A 19 -11.06 -17.54 -7.82
C ALA A 19 -10.78 -17.83 -6.34
N ASN A 20 -9.58 -17.44 -5.93
CA ASN A 20 -9.10 -17.62 -4.57
C ASN A 20 -8.26 -16.38 -4.30
N ARG A 21 -7.53 -16.34 -3.18
CA ARG A 21 -6.78 -15.14 -2.78
C ARG A 21 -5.63 -14.78 -3.73
N SER A 22 -5.15 -15.76 -4.52
CA SER A 22 -4.03 -15.49 -5.41
C SER A 22 -4.44 -15.26 -6.86
N TRP A 23 -5.36 -16.08 -7.38
CA TRP A 23 -5.73 -16.09 -8.81
C TRP A 23 -6.86 -15.12 -9.16
N SER A 24 -6.66 -14.30 -10.18
CA SER A 24 -7.70 -13.42 -10.72
C SER A 24 -7.44 -12.99 -12.18
N ARG A 25 -8.49 -12.53 -12.86
CA ARG A 25 -8.35 -11.97 -14.20
C ARG A 25 -9.39 -10.89 -14.43
N THR A 26 -9.05 -9.93 -15.30
CA THR A 26 -9.91 -8.78 -15.61
C THR A 26 -9.89 -8.49 -17.09
N ASP A 27 -11.07 -8.51 -17.72
CA ASP A 27 -11.23 -8.23 -19.14
C ASP A 27 -12.33 -7.20 -19.35
N SER A 28 -12.06 -6.22 -20.23
CA SER A 28 -13.06 -5.22 -20.61
C SER A 28 -13.30 -5.14 -22.13
N VAL A 29 -14.52 -4.78 -22.49
CA VAL A 29 -14.88 -4.47 -23.88
C VAL A 29 -15.64 -3.15 -23.92
N VAL A 30 -15.56 -2.44 -25.05
CA VAL A 30 -16.19 -1.13 -25.13
C VAL A 30 -17.17 -0.98 -26.31
N TRP A 31 -18.42 -0.70 -25.98
CA TRP A 31 -19.48 -0.58 -26.96
C TRP A 31 -19.93 0.86 -27.14
N LEU A 32 -20.18 1.22 -28.40
CA LEU A 32 -20.86 2.45 -28.77
C LEU A 32 -22.07 2.02 -29.58
N GLY A 33 -23.23 1.95 -28.93
CA GLY A 33 -24.39 1.32 -29.55
C GLY A 33 -24.16 -0.18 -29.54
N ASP A 34 -24.42 -0.82 -30.67
CA ASP A 34 -24.15 -2.25 -30.80
C ASP A 34 -22.84 -2.57 -31.57
N LEU A 35 -21.90 -1.61 -31.64
CA LEU A 35 -20.60 -1.85 -32.28
C LEU A 35 -19.45 -1.79 -31.27
N GLN A 36 -18.56 -2.78 -31.29
CA GLN A 36 -17.44 -2.79 -30.35
C GLN A 36 -16.37 -1.82 -30.78
N THR A 37 -15.94 -0.96 -29.87
CA THR A 37 -14.90 0.02 -30.17
C THR A 37 -13.54 -0.32 -29.58
N HIS A 38 -13.53 -1.01 -28.46
CA HIS A 38 -12.26 -1.34 -27.79
C HIS A 38 -12.34 -2.70 -27.16
N ARG A 39 -11.18 -3.30 -26.96
CA ARG A 39 -11.07 -4.59 -26.28
C ARG A 39 -9.83 -4.50 -25.44
N TRP A 40 -9.93 -4.91 -24.17
CA TRP A 40 -8.77 -4.98 -23.30
C TRP A 40 -8.74 -6.27 -22.53
N SER A 41 -7.93 -7.20 -22.98
CA SER A 41 -7.83 -8.49 -22.32
C SER A 41 -6.86 -8.45 -21.13
N ASN A 42 -7.08 -9.33 -20.15
CA ASN A 42 -6.15 -9.45 -19.01
C ASN A 42 -4.73 -9.71 -19.48
N ASP A 43 -4.61 -10.48 -20.58
CA ASP A 43 -3.32 -10.88 -21.14
C ASP A 43 -2.55 -9.70 -21.71
N SER A 44 -3.28 -8.64 -22.08
CA SER A 44 -2.67 -7.49 -22.75
C SER A 44 -2.36 -6.30 -21.83
N ALA A 45 -1.18 -5.71 -22.03
CA ALA A 45 -0.74 -4.52 -21.28
C ALA A 45 -1.49 -3.24 -21.67
N THR A 46 -2.06 -3.24 -22.88
CA THR A 46 -2.64 -2.06 -23.48
C THR A 46 -4.04 -2.38 -23.96
N ILE A 47 -4.90 -1.35 -24.03
CA ILE A 47 -6.22 -1.44 -24.63
C ILE A 47 -6.08 -1.48 -26.14
N SER A 48 -6.80 -2.40 -26.78
CA SER A 48 -6.77 -2.57 -28.23
C SER A 48 -7.95 -1.87 -28.88
N PHE A 49 -7.68 -1.16 -29.99
CA PHE A 49 -8.74 -0.57 -30.80
C PHE A 49 -9.39 -1.67 -31.64
N THR A 50 -10.71 -1.79 -31.60
CA THR A 50 -11.35 -2.74 -32.50
C THR A 50 -11.98 -2.02 -33.71
N LYS A 51 -11.76 -0.71 -33.78
CA LYS A 51 -12.19 0.11 -34.91
C LYS A 51 -11.04 1.01 -35.31
N PRO A 52 -11.00 1.42 -36.59
CA PRO A 52 -9.97 2.37 -37.00
C PRO A 52 -10.03 3.66 -36.17
N TRP A 53 -11.25 4.09 -35.86
CA TRP A 53 -11.50 5.38 -35.21
C TRP A 53 -11.75 5.31 -33.70
N SER A 54 -11.27 4.25 -33.06
CA SER A 54 -11.51 4.05 -31.63
C SER A 54 -10.85 5.14 -30.75
N GLN A 55 -9.77 5.74 -31.24
CA GLN A 55 -9.11 6.84 -30.54
C GLN A 55 -9.98 8.10 -30.56
N GLY A 56 -11.04 8.12 -31.36
CA GLY A 56 -11.90 9.28 -31.46
C GLY A 56 -11.11 10.50 -31.90
N LYS A 57 -11.32 11.63 -31.23
CA LYS A 57 -10.64 12.86 -31.61
C LYS A 57 -9.51 13.22 -30.65
N LEU A 58 -9.06 12.26 -29.84
CA LEU A 58 -7.94 12.51 -28.93
C LEU A 58 -6.60 12.50 -29.67
N SER A 59 -5.69 13.37 -29.24
CA SER A 59 -4.31 13.32 -29.73
C SER A 59 -3.61 12.09 -29.12
N ASN A 60 -2.52 11.67 -29.75
CA ASN A 60 -1.77 10.54 -29.23
C ASN A 60 -1.39 10.77 -27.77
N GLN A 61 -0.86 11.96 -27.48
CA GLN A 61 -0.51 12.32 -26.11
C GLN A 61 -1.69 12.19 -25.13
N GLN A 62 -2.87 12.64 -25.56
CA GLN A 62 -4.09 12.53 -24.74
C GLN A 62 -4.48 11.09 -24.45
N TRP A 63 -4.43 10.26 -25.49
CA TRP A 63 -4.74 8.84 -25.32
C TRP A 63 -3.69 8.13 -24.46
N GLU A 64 -2.41 8.40 -24.73
CA GLU A 64 -1.33 7.76 -23.99
C GLU A 64 -1.59 7.98 -22.51
N LYS A 65 -1.98 9.21 -22.16
CA LYS A 65 -2.25 9.59 -20.78
C LYS A 65 -3.51 8.93 -20.23
N LEU A 66 -4.50 8.75 -21.09
CA LEU A 66 -5.75 8.16 -20.67
C LEU A 66 -5.60 6.65 -20.46
N GLN A 67 -4.83 6.00 -21.35
CA GLN A 67 -4.58 4.57 -21.23
C GLN A 67 -3.81 4.25 -19.97
N HIS A 68 -2.80 5.06 -19.68
CA HIS A 68 -1.95 4.85 -18.51
C HIS A 68 -2.74 4.96 -17.20
N MET A 69 -3.76 5.81 -17.21
CA MET A 69 -4.65 5.96 -16.08
C MET A 69 -5.44 4.68 -15.82
N PHE A 70 -5.87 4.02 -16.90
CA PHE A 70 -6.55 2.73 -16.80
C PHE A 70 -5.56 1.65 -16.45
N GLN A 71 -4.40 1.68 -17.12
CA GLN A 71 -3.34 0.75 -16.80
C GLN A 71 -3.07 0.71 -15.30
N VAL A 72 -3.01 1.88 -14.68
CA VAL A 72 -2.78 1.98 -13.23
C VAL A 72 -4.01 1.47 -12.46
N TYR A 73 -5.21 1.75 -12.98
CA TYR A 73 -6.44 1.35 -12.32
C TYR A 73 -6.59 -0.17 -12.20
N ARG A 74 -6.38 -0.87 -13.31
CA ARG A 74 -6.53 -2.33 -13.33
C ARG A 74 -5.71 -3.03 -12.25
N VAL A 75 -4.46 -2.60 -12.09
CA VAL A 75 -3.61 -3.15 -11.04
C VAL A 75 -4.18 -2.82 -9.67
N SER A 76 -4.65 -1.58 -9.52
CA SER A 76 -5.13 -1.11 -8.24
C SER A 76 -6.42 -1.81 -7.90
N PHE A 77 -7.35 -1.77 -8.84
CA PHE A 77 -8.63 -2.43 -8.67
C PHE A 77 -8.45 -3.84 -8.13
N THR A 78 -7.49 -4.54 -8.72
CA THR A 78 -7.28 -5.95 -8.42
C THR A 78 -6.84 -6.08 -6.99
N ARG A 79 -5.91 -5.24 -6.57
CA ARG A 79 -5.38 -5.31 -5.22
C ARG A 79 -6.43 -4.86 -4.23
N ASP A 80 -7.22 -3.86 -4.63
CA ASP A 80 -8.23 -3.31 -3.74
C ASP A 80 -9.29 -4.33 -3.37
N ILE A 81 -9.86 -4.98 -4.38
CA ILE A 81 -10.83 -6.03 -4.13
C ILE A 81 -10.25 -7.05 -3.19
N GLN A 82 -9.04 -7.52 -3.51
CA GLN A 82 -8.34 -8.54 -2.71
C GLN A 82 -8.27 -8.15 -1.25
N GLU A 83 -8.04 -6.87 -0.99
CA GLU A 83 -7.93 -6.35 0.38
C GLU A 83 -9.31 -6.15 0.99
N LEU A 84 -10.23 -5.61 0.19
CA LEU A 84 -11.60 -5.48 0.68
C LEU A 84 -12.20 -6.82 1.16
N VAL A 85 -11.76 -7.93 0.56
CA VAL A 85 -12.14 -9.26 1.02
C VAL A 85 -11.55 -9.60 2.40
N LYS A 86 -10.25 -9.35 2.56
CA LYS A 86 -9.57 -9.49 3.84
C LYS A 86 -10.22 -8.65 4.93
N MET A 87 -10.80 -7.52 4.54
CA MET A 87 -11.41 -6.60 5.48
C MET A 87 -12.75 -7.14 5.96
N MET A 88 -13.53 -7.68 5.04
CA MET A 88 -14.83 -8.22 5.39
C MET A 88 -14.76 -9.60 6.01
N SER A 89 -13.93 -10.48 5.43
CA SER A 89 -13.72 -11.85 5.91
C SER A 89 -13.86 -12.02 7.44
N PRO A 90 -14.63 -13.04 7.87
CA PRO A 90 -15.23 -14.09 7.03
C PRO A 90 -16.63 -13.78 6.48
N LYS A 91 -16.90 -12.51 6.17
CA LYS A 91 -18.19 -12.12 5.63
C LYS A 91 -18.43 -12.73 4.25
N GLU A 92 -17.54 -12.39 3.31
CA GLU A 92 -17.63 -12.90 1.94
C GLU A 92 -16.39 -13.67 1.52
N ASP A 93 -16.62 -14.62 0.62
CA ASP A 93 -15.65 -15.63 0.24
C ASP A 93 -15.51 -15.72 -1.28
N TYR A 94 -14.32 -16.09 -1.72
CA TYR A 94 -14.10 -16.47 -3.11
C TYR A 94 -14.91 -17.74 -3.42
N PRO A 95 -15.29 -17.96 -4.69
CA PRO A 95 -15.09 -17.14 -5.87
C PRO A 95 -15.84 -15.81 -5.80
N ILE A 96 -15.21 -14.74 -6.29
CA ILE A 96 -15.89 -13.46 -6.39
C ILE A 96 -16.00 -13.01 -7.86
N GLU A 97 -17.15 -12.44 -8.18
CA GLU A 97 -17.42 -11.94 -9.50
C GLU A 97 -17.80 -10.45 -9.44
N ILE A 98 -16.94 -9.60 -9.99
CA ILE A 98 -17.24 -8.19 -10.12
C ILE A 98 -17.51 -7.83 -11.58
N GLN A 99 -18.56 -7.04 -11.79
CA GLN A 99 -18.76 -6.36 -13.07
C GLN A 99 -18.89 -4.85 -12.87
N LEU A 100 -18.37 -4.09 -13.85
CA LEU A 100 -18.63 -2.67 -13.92
C LEU A 100 -19.22 -2.33 -15.26
N SER A 101 -20.16 -1.40 -15.26
CA SER A 101 -20.72 -0.86 -16.48
C SER A 101 -20.62 0.65 -16.38
N ALA A 102 -19.83 1.27 -17.25
CA ALA A 102 -19.66 2.71 -17.19
C ALA A 102 -19.65 3.34 -18.58
N GLY A 103 -20.09 4.60 -18.63
CA GLY A 103 -20.10 5.35 -19.87
C GLY A 103 -21.17 6.42 -19.82
N CYS A 104 -21.79 6.69 -20.96
CA CYS A 104 -22.85 7.71 -21.01
C CYS A 104 -23.82 7.51 -22.16
N GLU A 105 -25.04 8.01 -21.98
CA GLU A 105 -26.05 8.02 -23.03
C GLU A 105 -25.99 9.41 -23.63
N MET A 106 -25.67 9.51 -24.92
CA MET A 106 -25.55 10.80 -25.63
C MET A 106 -26.89 11.27 -26.20
N TYR A 107 -27.24 12.53 -25.91
CA TYR A 107 -28.45 13.15 -26.46
C TYR A 107 -28.06 14.35 -27.35
N PRO A 108 -28.99 14.84 -28.20
CA PRO A 108 -28.69 15.95 -29.11
C PRO A 108 -28.22 17.22 -28.39
N GLY A 109 -27.50 18.06 -29.14
CA GLY A 109 -26.89 19.26 -28.58
C GLY A 109 -25.67 18.92 -27.72
N ASN A 110 -25.69 19.40 -26.49
CA ASN A 110 -24.59 19.17 -25.56
C ASN A 110 -24.87 18.08 -24.52
N ALA A 111 -26.15 17.82 -24.24
CA ALA A 111 -26.57 17.03 -23.07
C ALA A 111 -26.20 15.53 -23.07
N SER A 112 -25.90 15.01 -21.87
CA SER A 112 -25.72 13.58 -21.62
C SER A 112 -25.87 13.22 -20.13
N GLU A 113 -25.97 11.93 -19.84
CA GLU A 113 -25.91 11.42 -18.45
C GLU A 113 -24.84 10.35 -18.39
N SER A 114 -23.89 10.51 -17.47
CA SER A 114 -22.87 9.50 -17.28
C SER A 114 -23.26 8.58 -16.14
N PHE A 115 -22.85 7.33 -16.21
CA PHE A 115 -23.16 6.34 -15.18
C PHE A 115 -21.93 5.50 -14.89
N LEU A 116 -21.92 4.87 -13.71
CA LEU A 116 -20.91 3.91 -13.31
C LEU A 116 -21.55 2.97 -12.29
N HIS A 117 -22.02 1.83 -12.79
CA HIS A 117 -22.68 0.84 -11.96
C HIS A 117 -21.79 -0.34 -11.69
N VAL A 118 -21.91 -0.91 -10.50
CA VAL A 118 -21.04 -1.99 -10.07
C VAL A 118 -21.88 -3.14 -9.61
N ALA A 119 -21.55 -4.33 -10.10
CA ALA A 119 -22.28 -5.52 -9.71
C ALA A 119 -21.36 -6.53 -9.01
N PHE A 120 -21.95 -7.24 -8.04
CA PHE A 120 -21.23 -8.17 -7.20
C PHE A 120 -22.02 -9.47 -7.21
N GLN A 121 -21.35 -10.57 -7.56
CA GLN A 121 -22.00 -11.87 -7.71
C GLN A 121 -23.30 -11.76 -8.52
N GLY A 122 -23.25 -10.98 -9.61
CA GLY A 122 -24.37 -10.86 -10.56
C GLY A 122 -25.53 -9.98 -10.11
N LYS A 123 -25.32 -9.19 -9.05
CA LYS A 123 -26.35 -8.29 -8.53
C LYS A 123 -25.81 -6.87 -8.44
N TYR A 124 -26.62 -5.90 -8.83
CA TYR A 124 -26.23 -4.50 -8.85
C TYR A 124 -26.27 -3.96 -7.43
N VAL A 125 -25.15 -3.39 -6.98
CA VAL A 125 -24.96 -3.09 -5.56
C VAL A 125 -24.40 -1.70 -5.27
N VAL A 126 -23.58 -1.18 -6.17
CA VAL A 126 -22.87 0.08 -5.94
C VAL A 126 -22.91 0.92 -7.20
N ARG A 127 -22.94 2.24 -7.01
CA ARG A 127 -22.76 3.17 -8.11
C ARG A 127 -21.96 4.36 -7.64
N PHE A 128 -21.32 5.03 -8.60
CA PHE A 128 -20.78 6.34 -8.33
C PHE A 128 -21.88 7.29 -8.72
N TRP A 129 -22.20 8.20 -7.82
CA TRP A 129 -23.25 9.18 -8.03
C TRP A 129 -22.83 10.49 -7.38
N GLY A 130 -22.76 11.56 -8.16
CA GLY A 130 -22.40 12.86 -7.64
C GLY A 130 -20.90 12.97 -7.42
N THR A 131 -20.48 12.86 -6.17
CA THR A 131 -19.07 12.98 -5.80
C THR A 131 -18.60 11.81 -4.96
N SER A 132 -19.47 10.83 -4.75
CA SER A 132 -19.08 9.69 -3.93
C SER A 132 -19.69 8.38 -4.42
N TRP A 133 -19.10 7.26 -3.99
CA TRP A 133 -19.71 5.94 -4.10
C TRP A 133 -20.87 5.79 -3.10
N GLN A 134 -21.92 5.10 -3.55
CA GLN A 134 -23.07 4.82 -2.72
C GLN A 134 -23.63 3.46 -3.09
N THR A 135 -24.17 2.73 -2.10
CA THR A 135 -24.87 1.49 -2.43
C THR A 135 -26.26 1.80 -2.95
N VAL A 136 -26.80 0.89 -3.74
CA VAL A 136 -28.17 1.03 -4.27
C VAL A 136 -29.15 0.23 -3.41
N PRO A 137 -30.47 0.49 -3.55
CA PRO A 137 -31.45 -0.27 -2.77
C PRO A 137 -31.34 -1.79 -2.90
N GLY A 138 -31.47 -2.49 -1.78
CA GLY A 138 -31.39 -3.95 -1.75
C GLY A 138 -30.01 -4.53 -1.48
N ALA A 139 -28.99 -3.68 -1.49
CA ALA A 139 -27.61 -4.09 -1.25
C ALA A 139 -27.44 -4.51 0.19
N PRO A 140 -26.42 -5.34 0.49
CA PRO A 140 -26.26 -5.75 1.87
C PRO A 140 -25.50 -4.72 2.70
N SER A 141 -25.88 -4.58 3.96
CA SER A 141 -25.31 -3.56 4.83
C SER A 141 -23.79 -3.62 4.95
N TRP A 142 -23.23 -4.82 4.79
CA TRP A 142 -21.81 -5.02 5.06
C TRP A 142 -20.95 -4.19 4.12
N LEU A 143 -21.52 -3.90 2.95
CA LEU A 143 -20.86 -3.07 1.93
C LEU A 143 -20.59 -1.64 2.39
N ASP A 144 -21.19 -1.23 3.50
CA ASP A 144 -21.03 0.11 4.01
C ASP A 144 -19.59 0.40 4.40
N LEU A 145 -18.86 -0.62 4.84
CA LEU A 145 -17.44 -0.46 5.17
C LEU A 145 -16.56 -0.31 3.92
N PRO A 146 -16.74 -1.19 2.91
CA PRO A 146 -16.12 -0.93 1.61
C PRO A 146 -16.37 0.49 1.09
N ILE A 147 -17.62 0.94 1.17
CA ILE A 147 -17.99 2.27 0.70
C ILE A 147 -17.35 3.38 1.54
N LYS A 148 -17.26 3.17 2.85
CA LYS A 148 -16.62 4.16 3.72
C LYS A 148 -15.14 4.35 3.37
N VAL A 149 -14.53 3.26 2.89
CA VAL A 149 -13.12 3.23 2.58
C VAL A 149 -12.89 3.89 1.23
N LEU A 150 -13.69 3.49 0.25
CA LEU A 150 -13.54 4.01 -1.10
C LEU A 150 -13.80 5.52 -1.12
N ASN A 151 -14.71 5.98 -0.26
CA ASN A 151 -14.98 7.40 -0.23
C ASN A 151 -13.95 8.14 0.56
N ALA A 152 -13.12 7.42 1.32
CA ALA A 152 -12.00 8.02 2.04
C ALA A 152 -11.04 8.63 1.05
N ASP A 153 -10.98 8.00 -0.12
CA ASP A 153 -9.98 8.28 -1.13
C ASP A 153 -10.36 9.46 -2.03
N GLN A 154 -10.04 10.67 -1.58
CA GLN A 154 -10.33 11.90 -2.30
C GLN A 154 -9.81 11.87 -3.75
N GLY A 155 -8.53 11.57 -3.94
CA GLY A 155 -7.92 11.50 -5.27
C GLY A 155 -8.70 10.67 -6.30
N THR A 156 -9.21 9.51 -5.87
CA THR A 156 -9.97 8.67 -6.78
C THR A 156 -11.24 9.39 -7.14
N SER A 157 -11.87 10.02 -6.16
CA SER A 157 -13.11 10.75 -6.38
C SER A 157 -12.94 11.82 -7.47
N ALA A 158 -11.96 12.70 -7.30
CA ALA A 158 -11.71 13.77 -8.26
C ALA A 158 -11.55 13.21 -9.66
N THR A 159 -10.79 12.13 -9.76
CA THR A 159 -10.49 11.47 -11.03
C THR A 159 -11.74 10.88 -11.67
N VAL A 160 -12.58 10.22 -10.89
CA VAL A 160 -13.79 9.60 -11.39
C VAL A 160 -14.83 10.65 -11.83
N GLN A 161 -14.95 11.73 -11.06
CA GLN A 161 -15.84 12.83 -11.43
C GLN A 161 -15.40 13.42 -12.75
N MET A 162 -14.10 13.59 -12.95
CA MET A 162 -13.61 14.07 -14.24
C MET A 162 -13.97 13.11 -15.37
N LEU A 163 -13.73 11.81 -15.19
CA LEU A 163 -14.06 10.78 -16.20
C LEU A 163 -15.49 10.86 -16.68
N LEU A 164 -16.42 10.84 -15.73
CA LEU A 164 -17.84 10.84 -16.01
C LEU A 164 -18.34 12.22 -16.48
N ASN A 165 -18.02 13.28 -15.76
CA ASN A 165 -18.52 14.61 -16.11
C ASN A 165 -17.93 15.18 -17.40
N ASP A 166 -16.63 15.04 -17.59
CA ASP A 166 -15.95 15.72 -18.70
C ASP A 166 -15.42 14.79 -19.79
N THR A 167 -14.65 13.79 -19.40
CA THR A 167 -13.92 12.96 -20.34
C THR A 167 -14.87 12.14 -21.21
N CYS A 168 -15.82 11.46 -20.58
CA CYS A 168 -16.76 10.63 -21.32
C CYS A 168 -17.43 11.39 -22.45
N PRO A 169 -18.30 12.36 -22.12
CA PRO A 169 -19.04 13.08 -23.15
C PRO A 169 -18.14 13.57 -24.27
N LEU A 170 -17.06 14.26 -23.92
CA LEU A 170 -16.10 14.76 -24.91
C LEU A 170 -15.56 13.64 -25.79
N PHE A 171 -15.17 12.53 -25.18
CA PHE A 171 -14.57 11.43 -25.91
C PHE A 171 -15.51 10.88 -26.96
N VAL A 172 -16.76 10.69 -26.56
CA VAL A 172 -17.77 10.09 -27.42
C VAL A 172 -18.23 11.04 -28.52
N ARG A 173 -18.44 12.32 -28.19
CA ARG A 173 -18.80 13.28 -29.22
C ARG A 173 -17.73 13.22 -30.30
N GLY A 174 -16.49 12.99 -29.88
CA GLY A 174 -15.38 12.78 -30.79
C GLY A 174 -15.50 11.50 -31.59
N LEU A 175 -15.90 10.42 -30.90
CA LEU A 175 -16.06 9.12 -31.54
C LEU A 175 -17.12 9.16 -32.63
N LEU A 176 -18.26 9.79 -32.33
CA LEU A 176 -19.38 9.84 -33.27
C LEU A 176 -19.01 10.53 -34.58
N GLU A 177 -18.07 11.48 -34.51
CA GLU A 177 -17.56 12.12 -35.72
C GLU A 177 -16.72 11.12 -36.50
N ALA A 178 -15.72 10.55 -35.85
CA ALA A 178 -14.77 9.68 -36.51
C ALA A 178 -15.45 8.42 -36.99
N GLY A 179 -16.42 7.95 -36.20
CA GLY A 179 -17.10 6.69 -36.45
C GLY A 179 -18.33 6.79 -37.32
N LYS A 180 -18.67 8.01 -37.73
CA LYS A 180 -19.91 8.28 -38.49
C LYS A 180 -20.15 7.21 -39.56
N SER A 181 -19.11 6.93 -40.33
CA SER A 181 -19.18 6.01 -41.46
C SER A 181 -19.72 4.63 -41.10
N ASP A 182 -19.05 3.95 -40.18
CA ASP A 182 -19.50 2.62 -39.73
C ASP A 182 -20.83 2.68 -39.00
N LEU A 183 -21.08 3.76 -38.27
CA LEU A 183 -22.28 3.85 -37.44
C LEU A 183 -23.54 4.00 -38.28
N GLU A 184 -23.41 4.66 -39.42
CA GLU A 184 -24.54 4.90 -40.29
C GLU A 184 -24.60 3.88 -41.43
N LYS A 185 -23.80 2.82 -41.31
CA LYS A 185 -23.69 1.81 -42.36
C LYS A 185 -25.03 1.14 -42.66
N GLN A 186 -25.22 0.77 -43.93
CA GLN A 186 -26.42 0.09 -44.35
C GLN A 186 -26.09 -1.23 -45.03
N GLU A 187 -26.39 -2.33 -44.33
CA GLU A 187 -26.15 -3.67 -44.85
C GLU A 187 -27.45 -4.45 -45.05
N LYS A 188 -27.60 -5.01 -46.25
CA LYS A 188 -28.87 -5.60 -46.65
C LYS A 188 -29.12 -6.95 -46.01
N PRO A 189 -30.39 -7.21 -45.61
CA PRO A 189 -30.70 -8.56 -45.14
C PRO A 189 -30.88 -9.52 -46.32
N VAL A 190 -30.59 -10.79 -46.07
CA VAL A 190 -30.91 -11.85 -47.01
C VAL A 190 -31.81 -12.82 -46.25
N ALA A 191 -32.84 -13.32 -46.93
CA ALA A 191 -33.84 -14.19 -46.27
C ALA A 191 -33.95 -15.56 -46.90
N TRP A 192 -34.31 -16.56 -46.09
CA TRP A 192 -34.60 -17.90 -46.61
C TRP A 192 -35.65 -18.62 -45.76
N LEU A 193 -36.26 -19.65 -46.34
CA LEU A 193 -37.38 -20.32 -45.70
C LEU A 193 -37.11 -21.80 -45.44
N SER A 194 -37.77 -22.35 -44.43
CA SER A 194 -37.75 -23.79 -44.11
C SER A 194 -38.90 -24.14 -43.16
N SER A 195 -39.10 -25.44 -42.90
CA SER A 195 -40.19 -25.88 -42.03
C SER A 195 -39.83 -27.11 -41.17
N VAL A 196 -40.32 -27.11 -39.93
CA VAL A 196 -40.18 -28.26 -39.02
C VAL A 196 -41.55 -28.69 -38.45
N PRO A 197 -41.67 -29.95 -37.99
CA PRO A 197 -42.92 -30.35 -37.31
C PRO A 197 -43.02 -29.77 -35.89
N GLN A 205 -44.43 -26.10 -38.09
CA GLN A 205 -44.25 -24.66 -38.13
C GLN A 205 -43.23 -24.19 -39.19
N LEU A 206 -43.66 -23.27 -40.04
CA LEU A 206 -42.80 -22.67 -41.06
C LEU A 206 -41.91 -21.58 -40.46
N VAL A 207 -40.69 -21.47 -40.97
CA VAL A 207 -39.68 -20.57 -40.42
C VAL A 207 -39.11 -19.64 -41.49
N CYS A 208 -39.03 -18.35 -41.16
CA CYS A 208 -38.45 -17.36 -42.06
C CYS A 208 -37.15 -16.78 -41.50
N HIS A 209 -36.03 -17.20 -42.09
CA HIS A 209 -34.71 -16.78 -41.60
C HIS A 209 -34.32 -15.46 -42.26
N VAL A 210 -33.93 -14.46 -41.45
CA VAL A 210 -33.47 -13.17 -41.94
C VAL A 210 -32.08 -12.89 -41.39
N SER A 211 -31.13 -12.62 -42.27
CA SER A 211 -29.75 -12.52 -41.83
C SER A 211 -28.95 -11.48 -42.61
N GLY A 212 -28.07 -10.78 -41.90
CA GLY A 212 -27.10 -9.87 -42.51
C GLY A 212 -27.44 -8.39 -42.46
N PHE A 213 -28.61 -8.06 -41.93
CA PHE A 213 -29.05 -6.66 -41.95
C PHE A 213 -28.32 -5.83 -40.91
N TYR A 214 -28.19 -4.54 -41.22
CA TYR A 214 -27.76 -3.51 -40.28
C TYR A 214 -28.28 -2.16 -40.76
N PRO A 215 -28.90 -1.37 -39.86
CA PRO A 215 -28.94 -1.52 -38.40
C PRO A 215 -29.98 -2.51 -37.88
N LYS A 216 -30.07 -2.60 -36.55
CA LYS A 216 -30.92 -3.55 -35.85
C LYS A 216 -32.43 -3.38 -36.13
N PRO A 217 -32.97 -2.15 -36.12
CA PRO A 217 -34.41 -2.01 -36.48
C PRO A 217 -34.80 -2.73 -37.78
N VAL A 218 -35.76 -3.65 -37.68
CA VAL A 218 -36.22 -4.48 -38.82
C VAL A 218 -37.67 -4.99 -38.61
N TRP A 219 -38.35 -5.30 -39.71
CA TRP A 219 -39.72 -5.81 -39.67
C TRP A 219 -39.90 -7.10 -40.50
N VAL A 220 -40.45 -8.14 -39.87
CA VAL A 220 -40.63 -9.44 -40.53
C VAL A 220 -41.99 -10.04 -40.18
N MET A 221 -42.77 -10.33 -41.21
CA MET A 221 -44.10 -10.92 -41.03
C MET A 221 -44.42 -11.99 -42.06
N TRP A 222 -45.18 -13.00 -41.64
CA TRP A 222 -45.76 -13.97 -42.55
C TRP A 222 -47.01 -13.38 -43.18
N MET A 223 -47.16 -13.56 -44.49
CA MET A 223 -48.26 -12.96 -45.23
C MET A 223 -48.89 -13.95 -46.19
N ARG A 224 -50.20 -13.81 -46.35
CA ARG A 224 -50.92 -14.43 -47.44
C ARG A 224 -51.52 -13.28 -48.24
N GLY A 225 -50.88 -12.95 -49.36
CA GLY A 225 -51.31 -11.82 -50.19
C GLY A 225 -50.97 -10.46 -49.58
N ASP A 226 -51.96 -9.84 -48.95
CA ASP A 226 -51.81 -8.53 -48.31
C ASP A 226 -52.26 -8.56 -46.83
N GLN A 227 -52.55 -9.75 -46.33
CA GLN A 227 -52.94 -9.96 -44.94
C GLN A 227 -51.77 -10.48 -44.10
N GLU A 228 -51.62 -9.91 -42.91
CA GLU A 228 -50.65 -10.38 -41.93
C GLU A 228 -51.15 -11.68 -41.29
N GLN A 229 -50.22 -12.50 -40.81
CA GLN A 229 -50.58 -13.67 -40.01
C GLN A 229 -50.22 -13.39 -38.56
N GLN A 230 -51.24 -13.23 -37.73
CA GLN A 230 -51.08 -12.74 -36.35
C GLN A 230 -50.26 -13.65 -35.42
N GLY A 231 -50.24 -14.94 -35.71
CA GLY A 231 -49.49 -15.92 -34.90
C GLY A 231 -47.98 -15.80 -34.99
N THR A 232 -47.48 -15.16 -36.05
CA THR A 232 -46.06 -14.90 -36.26
C THR A 232 -45.32 -14.59 -34.95
N HIS A 233 -44.49 -15.52 -34.50
CA HIS A 233 -43.63 -15.31 -33.32
C HIS A 233 -42.21 -14.93 -33.76
N ARG A 234 -41.89 -13.66 -33.52
CA ARG A 234 -40.55 -13.10 -33.73
C ARG A 234 -39.60 -13.67 -32.66
N GLY A 235 -38.38 -14.05 -33.08
CA GLY A 235 -37.36 -14.50 -32.13
C GLY A 235 -36.61 -13.34 -31.48
N ASP A 236 -35.44 -13.62 -30.92
CA ASP A 236 -34.54 -12.56 -30.44
C ASP A 236 -33.59 -12.18 -31.54
N PHE A 237 -33.04 -10.98 -31.46
CA PHE A 237 -31.95 -10.63 -32.34
C PHE A 237 -30.70 -11.43 -31.94
N LEU A 238 -30.11 -12.08 -32.94
CA LEU A 238 -28.88 -12.83 -32.74
C LEU A 238 -27.77 -12.23 -33.61
N PRO A 239 -26.56 -12.09 -33.04
CA PRO A 239 -25.49 -11.42 -33.79
C PRO A 239 -24.76 -12.36 -34.73
N ASN A 240 -24.30 -11.82 -35.85
CA ASN A 240 -23.31 -12.48 -36.68
C ASN A 240 -21.89 -12.06 -36.26
N ALA A 241 -20.87 -12.75 -36.78
CA ALA A 241 -19.47 -12.39 -36.47
C ALA A 241 -19.03 -11.13 -37.22
N ASP A 242 -19.70 -10.81 -38.33
CA ASP A 242 -19.34 -9.67 -39.16
C ASP A 242 -20.10 -8.39 -38.79
N GLU A 243 -20.69 -8.38 -37.60
CA GLU A 243 -21.33 -7.18 -37.04
C GLU A 243 -22.60 -6.77 -37.79
N THR A 244 -23.33 -7.78 -38.23
CA THR A 244 -24.67 -7.61 -38.77
C THR A 244 -25.58 -8.48 -37.92
N TRP A 245 -26.88 -8.38 -38.16
CA TRP A 245 -27.85 -9.09 -37.34
C TRP A 245 -28.52 -10.33 -37.97
N TYR A 246 -29.13 -11.15 -37.13
CA TYR A 246 -29.87 -12.32 -37.53
C TYR A 246 -31.14 -12.42 -36.67
N LEU A 247 -32.26 -12.71 -37.32
CA LEU A 247 -33.52 -12.93 -36.62
C LEU A 247 -34.37 -13.90 -37.44
N GLN A 248 -35.23 -14.66 -36.75
CA GLN A 248 -36.20 -15.52 -37.44
C GLN A 248 -37.65 -15.41 -36.96
N ALA A 249 -38.59 -15.64 -37.87
CA ALA A 249 -40.02 -15.64 -37.58
C ALA A 249 -40.63 -17.04 -37.76
N THR A 250 -41.44 -17.45 -36.79
CA THR A 250 -42.10 -18.76 -36.81
C THR A 250 -43.62 -18.59 -36.78
N LEU A 251 -44.31 -19.40 -37.58
CA LEU A 251 -45.77 -19.40 -37.61
C LEU A 251 -46.27 -20.84 -37.70
N ASP A 252 -47.18 -21.21 -36.79
CA ASP A 252 -47.76 -22.55 -36.80
C ASP A 252 -48.77 -22.72 -37.91
N VAL A 253 -48.63 -23.82 -38.65
CA VAL A 253 -49.49 -24.14 -39.79
C VAL A 253 -49.94 -25.61 -39.75
N GLU A 254 -51.23 -25.83 -39.98
CA GLU A 254 -51.75 -27.18 -40.21
C GLU A 254 -51.25 -27.64 -41.58
N ALA A 255 -50.84 -28.91 -41.66
CA ALA A 255 -50.19 -29.44 -42.86
C ALA A 255 -51.08 -29.37 -44.10
N GLY A 256 -50.53 -28.83 -45.18
CA GLY A 256 -51.27 -28.62 -46.43
C GLY A 256 -51.57 -27.16 -46.73
N GLU A 257 -51.53 -26.32 -45.69
CA GLU A 257 -51.90 -24.90 -45.80
C GLU A 257 -50.74 -23.97 -46.19
N GLU A 258 -49.60 -24.56 -46.56
CA GLU A 258 -48.39 -23.81 -46.87
C GLU A 258 -48.48 -23.05 -48.21
N ALA A 259 -49.53 -23.35 -48.98
CA ALA A 259 -49.77 -22.73 -50.29
C ALA A 259 -50.13 -21.24 -50.19
N GLY A 260 -49.59 -20.44 -51.13
CA GLY A 260 -49.88 -19.01 -51.21
C GLY A 260 -49.26 -18.18 -50.11
N LEU A 261 -48.35 -18.78 -49.36
CA LEU A 261 -47.68 -18.08 -48.27
C LEU A 261 -46.32 -17.51 -48.67
N ALA A 262 -45.98 -16.36 -48.09
CA ALA A 262 -44.71 -15.70 -48.31
C ALA A 262 -44.21 -15.08 -47.02
N CYS A 263 -42.95 -14.63 -47.02
CA CYS A 263 -42.38 -13.91 -45.87
C CYS A 263 -41.88 -12.53 -46.30
N ARG A 264 -42.52 -11.48 -45.81
CA ARG A 264 -42.19 -10.11 -46.22
C ARG A 264 -41.31 -9.44 -45.20
N VAL A 265 -40.21 -8.86 -45.67
CA VAL A 265 -39.26 -8.20 -44.77
C VAL A 265 -39.00 -6.77 -45.20
N LYS A 266 -39.28 -5.84 -44.30
CA LYS A 266 -38.95 -4.42 -44.50
C LYS A 266 -37.70 -4.09 -43.69
N HIS A 267 -36.80 -3.30 -44.29
CA HIS A 267 -35.59 -2.84 -43.61
C HIS A 267 -35.05 -1.59 -44.29
N SER A 268 -34.40 -0.72 -43.51
CA SER A 268 -33.91 0.56 -44.02
C SER A 268 -32.96 0.45 -45.22
N SER A 269 -32.30 -0.70 -45.36
CA SER A 269 -31.22 -0.86 -46.33
C SER A 269 -31.72 -0.97 -47.77
N LEU A 270 -32.92 -1.52 -47.91
CA LEU A 270 -33.48 -1.86 -49.21
C LEU A 270 -34.07 -0.64 -49.90
N GLY A 271 -34.59 0.29 -49.11
CA GLY A 271 -35.23 1.49 -49.64
C GLY A 271 -36.56 1.16 -50.28
N GLY A 272 -37.46 0.57 -49.48
CA GLY A 272 -38.81 0.24 -49.94
C GLY A 272 -38.92 -0.97 -50.86
N GLN A 273 -37.79 -1.60 -51.13
CA GLN A 273 -37.78 -2.80 -51.95
C GLN A 273 -37.89 -4.00 -51.02
N ASP A 274 -39.11 -4.21 -50.48
CA ASP A 274 -39.36 -5.29 -49.52
C ASP A 274 -38.93 -6.63 -50.07
N ILE A 275 -38.38 -7.47 -49.21
CA ILE A 275 -38.06 -8.82 -49.62
C ILE A 275 -39.35 -9.63 -49.63
N ILE A 276 -39.55 -10.34 -50.73
CA ILE A 276 -40.77 -11.10 -50.95
C ILE A 276 -40.42 -12.53 -51.34
N LEU A 277 -40.35 -13.42 -50.36
CA LEU A 277 -40.08 -14.82 -50.62
C LEU A 277 -41.33 -15.68 -50.51
N TYR A 278 -41.74 -16.25 -51.63
CA TYR A 278 -42.89 -17.14 -51.69
C TYR A 278 -42.48 -18.57 -51.41
N TRP A 279 -43.39 -19.35 -50.83
CA TRP A 279 -43.14 -20.74 -50.48
C TRP A 279 -43.24 -21.66 -51.69
N GLN B 2 -25.94 -18.75 -9.59
CA GLN B 2 -25.72 -19.42 -10.91
C GLN B 2 -26.92 -19.26 -11.83
N LYS B 3 -26.65 -19.23 -13.14
CA LYS B 3 -27.68 -19.16 -14.17
C LYS B 3 -27.26 -19.95 -15.43
N THR B 4 -28.20 -20.74 -15.95
CA THR B 4 -27.97 -21.68 -17.05
C THR B 4 -27.75 -21.00 -18.41
N PRO B 5 -26.79 -21.50 -19.21
CA PRO B 5 -26.52 -21.01 -20.54
C PRO B 5 -27.60 -21.39 -21.56
N GLN B 6 -28.02 -20.44 -22.40
CA GLN B 6 -28.83 -20.76 -23.59
C GLN B 6 -27.89 -20.86 -24.77
N ILE B 7 -28.19 -21.75 -25.71
CA ILE B 7 -27.32 -21.99 -26.87
C ILE B 7 -28.13 -22.02 -28.15
N GLN B 8 -27.67 -21.29 -29.16
CA GLN B 8 -28.40 -21.17 -30.43
C GLN B 8 -27.48 -21.30 -31.63
N VAL B 9 -27.76 -22.31 -32.46
CA VAL B 9 -26.94 -22.57 -33.63
C VAL B 9 -27.63 -22.09 -34.89
N TYR B 10 -26.92 -21.32 -35.72
CA TYR B 10 -27.48 -20.71 -36.93
C TYR B 10 -26.40 -20.34 -37.93
N SER B 11 -26.72 -20.40 -39.22
CA SER B 11 -25.76 -20.07 -40.26
C SER B 11 -25.88 -18.60 -40.73
N ARG B 12 -24.75 -18.05 -41.19
CA ARG B 12 -24.65 -16.64 -41.59
C ARG B 12 -25.40 -16.44 -42.88
N HIS B 13 -25.37 -17.46 -43.72
CA HIS B 13 -26.00 -17.42 -45.04
C HIS B 13 -27.00 -18.56 -45.19
N PRO B 14 -27.86 -18.50 -46.22
CA PRO B 14 -28.74 -19.62 -46.52
C PRO B 14 -27.90 -20.87 -46.75
N PRO B 15 -28.20 -21.96 -46.03
CA PRO B 15 -27.37 -23.15 -46.14
C PRO B 15 -27.60 -23.83 -47.48
N GLU B 16 -26.51 -24.26 -48.11
CA GLU B 16 -26.57 -24.87 -49.42
C GLU B 16 -25.49 -25.96 -49.52
N ASN B 17 -25.93 -27.18 -49.78
CA ASN B 17 -25.00 -28.30 -49.77
C ASN B 17 -23.76 -28.06 -50.62
N GLY B 18 -22.59 -28.43 -50.08
CA GLY B 18 -21.31 -28.28 -50.77
C GLY B 18 -20.81 -26.85 -51.01
N LYS B 19 -21.38 -25.87 -50.32
CA LYS B 19 -20.97 -24.47 -50.49
C LYS B 19 -20.51 -23.84 -49.16
N PRO B 20 -19.26 -23.34 -49.11
CA PRO B 20 -18.72 -22.67 -47.93
C PRO B 20 -19.69 -21.67 -47.29
N ASN B 21 -19.72 -21.66 -45.96
CA ASN B 21 -20.64 -20.84 -45.17
C ASN B 21 -19.97 -20.65 -43.81
N ILE B 22 -20.58 -19.85 -42.94
CA ILE B 22 -20.15 -19.73 -41.55
C ILE B 22 -21.24 -20.23 -40.61
N LEU B 23 -20.85 -21.02 -39.61
CA LEU B 23 -21.77 -21.51 -38.59
C LEU B 23 -21.55 -20.76 -37.27
N ASN B 24 -22.61 -20.13 -36.77
CA ASN B 24 -22.55 -19.38 -35.51
C ASN B 24 -23.11 -20.17 -34.33
N CYS B 25 -22.48 -20.02 -33.16
CA CYS B 25 -23.03 -20.55 -31.91
C CYS B 25 -23.02 -19.48 -30.83
N TYR B 26 -24.21 -19.14 -30.36
CA TYR B 26 -24.41 -17.99 -29.50
C TYR B 26 -24.91 -18.43 -28.14
N VAL B 27 -24.03 -18.27 -27.14
CA VAL B 27 -24.30 -18.69 -25.78
C VAL B 27 -24.56 -17.47 -24.91
N THR B 28 -25.66 -17.53 -24.15
CA THR B 28 -26.18 -16.38 -23.43
C THR B 28 -26.73 -16.77 -22.07
N GLN B 29 -27.01 -15.74 -21.26
CA GLN B 29 -27.78 -15.89 -20.01
C GLN B 29 -27.05 -16.63 -18.88
N PHE B 30 -25.75 -16.88 -19.04
CA PHE B 30 -25.00 -17.61 -18.01
C PHE B 30 -24.27 -16.74 -16.99
N HIS B 31 -24.11 -17.29 -15.80
CA HIS B 31 -23.33 -16.70 -14.72
C HIS B 31 -22.90 -17.86 -13.83
N PRO B 32 -21.60 -17.91 -13.45
CA PRO B 32 -20.48 -16.99 -13.69
C PRO B 32 -19.96 -17.03 -15.14
N PRO B 33 -18.95 -16.20 -15.47
CA PRO B 33 -18.53 -16.09 -16.86
C PRO B 33 -17.60 -17.19 -17.37
N HIS B 34 -17.25 -18.16 -16.54
CA HIS B 34 -16.30 -19.18 -16.96
C HIS B 34 -17.01 -20.28 -17.73
N ILE B 35 -16.49 -20.61 -18.91
CA ILE B 35 -17.23 -21.45 -19.85
C ILE B 35 -16.33 -22.21 -20.83
N GLU B 36 -16.63 -23.48 -21.08
CA GLU B 36 -15.91 -24.25 -22.10
C GLU B 36 -16.84 -24.51 -23.30
N ILE B 37 -16.59 -23.80 -24.40
CA ILE B 37 -17.42 -23.92 -25.59
C ILE B 37 -16.67 -24.62 -26.72
N GLN B 38 -17.24 -25.71 -27.22
CA GLN B 38 -16.69 -26.44 -28.34
C GLN B 38 -17.64 -26.40 -29.53
N MET B 39 -17.07 -26.36 -30.72
CA MET B 39 -17.89 -26.57 -31.92
C MET B 39 -17.55 -27.94 -32.49
N LEU B 40 -18.58 -28.66 -32.92
CA LEU B 40 -18.40 -30.06 -33.27
C LEU B 40 -18.85 -30.37 -34.69
N LYS B 41 -18.12 -31.26 -35.36
CA LYS B 41 -18.54 -31.83 -36.62
C LYS B 41 -18.55 -33.31 -36.38
N ASN B 42 -19.75 -33.87 -36.33
CA ASN B 42 -19.94 -35.31 -36.11
C ASN B 42 -19.38 -35.79 -34.79
N GLY B 43 -19.42 -34.89 -33.80
CA GLY B 43 -18.93 -35.19 -32.46
C GLY B 43 -17.43 -35.06 -32.33
N LYS B 44 -16.80 -34.51 -33.36
CA LYS B 44 -15.37 -34.23 -33.33
C LYS B 44 -15.14 -32.72 -33.29
N LYS B 45 -14.27 -32.30 -32.37
CA LYS B 45 -13.92 -30.90 -32.15
C LYS B 45 -13.29 -30.28 -33.39
N ILE B 46 -13.90 -29.18 -33.85
CA ILE B 46 -13.42 -28.41 -34.99
C ILE B 46 -12.21 -27.59 -34.54
N PRO B 47 -11.15 -27.51 -35.38
CA PRO B 47 -9.92 -26.82 -34.95
C PRO B 47 -9.97 -25.29 -35.06
N LYS B 48 -10.32 -24.75 -36.23
CA LYS B 48 -10.28 -23.30 -36.44
C LYS B 48 -11.56 -22.60 -35.95
N VAL B 49 -11.74 -22.51 -34.63
CA VAL B 49 -12.95 -21.88 -34.11
C VAL B 49 -12.62 -20.55 -33.46
N GLU B 50 -13.29 -19.50 -33.94
CA GLU B 50 -13.07 -18.14 -33.44
C GLU B 50 -14.10 -17.71 -32.38
N MET B 51 -13.65 -16.86 -31.45
CA MET B 51 -14.45 -16.42 -30.32
C MET B 51 -14.46 -14.90 -30.20
N SER B 52 -15.65 -14.32 -30.14
CA SER B 52 -15.79 -12.88 -29.91
C SER B 52 -15.38 -12.67 -28.49
N ASP B 53 -15.11 -11.43 -28.13
CA ASP B 53 -14.86 -11.13 -26.74
C ASP B 53 -16.13 -11.35 -25.93
N MET B 54 -15.95 -11.81 -24.71
CA MET B 54 -17.05 -12.01 -23.80
C MET B 54 -17.60 -10.64 -23.44
N SER B 55 -18.92 -10.56 -23.33
CA SER B 55 -19.58 -9.33 -22.93
C SER B 55 -20.78 -9.65 -22.04
N PHE B 56 -21.49 -8.63 -21.55
CA PHE B 56 -22.73 -8.87 -20.81
C PHE B 56 -23.81 -7.84 -21.08
N SER B 57 -25.06 -8.25 -20.87
CA SER B 57 -26.25 -7.42 -21.13
C SER B 57 -26.62 -6.51 -19.97
N LYS B 58 -27.74 -5.82 -20.11
CA LYS B 58 -28.27 -4.94 -19.05
C LYS B 58 -28.52 -5.71 -17.76
N ASP B 59 -29.08 -6.91 -17.87
CA ASP B 59 -29.34 -7.75 -16.70
C ASP B 59 -28.10 -8.39 -16.04
N TRP B 60 -26.92 -8.10 -16.57
CA TRP B 60 -25.62 -8.53 -16.00
C TRP B 60 -25.19 -9.96 -16.38
N SER B 61 -26.02 -10.63 -17.18
CA SER B 61 -25.74 -11.97 -17.62
C SER B 61 -24.78 -11.92 -18.81
N PHE B 62 -23.96 -12.95 -18.95
CA PHE B 62 -22.90 -12.95 -19.95
C PHE B 62 -23.38 -13.54 -21.25
N TYR B 63 -22.72 -13.16 -22.33
CA TYR B 63 -22.98 -13.69 -23.66
C TYR B 63 -21.72 -13.71 -24.52
N ILE B 64 -21.55 -14.75 -25.33
CA ILE B 64 -20.39 -14.86 -26.21
C ILE B 64 -20.79 -15.51 -27.53
N LEU B 65 -20.17 -15.09 -28.62
CA LEU B 65 -20.45 -15.65 -29.93
C LEU B 65 -19.30 -16.49 -30.49
N ALA B 66 -19.63 -17.71 -30.87
CA ALA B 66 -18.62 -18.58 -31.47
C ALA B 66 -19.05 -18.87 -32.89
N HIS B 67 -18.10 -18.76 -33.80
CA HIS B 67 -18.34 -19.05 -35.18
C HIS B 67 -17.16 -19.86 -35.74
N THR B 68 -17.43 -20.59 -36.81
CA THR B 68 -16.41 -21.30 -37.55
C THR B 68 -16.85 -21.46 -39.01
N GLU B 69 -15.89 -21.59 -39.91
CA GLU B 69 -16.19 -21.86 -41.31
C GLU B 69 -16.61 -23.30 -41.43
N PHE B 70 -17.66 -23.53 -42.22
CA PHE B 70 -18.08 -24.90 -42.48
C PHE B 70 -18.73 -24.98 -43.85
N THR B 71 -18.53 -26.12 -44.50
CA THR B 71 -19.24 -26.45 -45.72
C THR B 71 -20.30 -27.50 -45.36
N PRO B 72 -21.58 -27.15 -45.52
CA PRO B 72 -22.65 -28.06 -45.15
C PRO B 72 -22.90 -29.14 -46.21
N THR B 73 -22.89 -30.39 -45.80
CA THR B 73 -23.22 -31.50 -46.70
C THR B 73 -24.45 -32.23 -46.20
N GLU B 74 -24.93 -33.17 -47.00
CA GLU B 74 -26.12 -33.95 -46.69
C GLU B 74 -25.92 -34.88 -45.50
N THR B 75 -24.70 -35.41 -45.36
CA THR B 75 -24.41 -36.46 -44.37
C THR B 75 -23.68 -36.01 -43.10
N ASP B 76 -23.25 -34.74 -43.05
CA ASP B 76 -22.48 -34.23 -41.90
C ASP B 76 -23.37 -33.50 -40.89
N THR B 77 -23.19 -33.82 -39.61
CA THR B 77 -23.93 -33.15 -38.54
C THR B 77 -23.00 -32.25 -37.70
N TYR B 78 -23.48 -31.06 -37.38
CA TYR B 78 -22.71 -30.10 -36.62
C TYR B 78 -23.38 -29.77 -35.29
N ALA B 79 -22.59 -29.35 -34.32
CA ALA B 79 -23.14 -29.04 -33.00
C ALA B 79 -22.36 -27.97 -32.22
N CYS B 80 -23.01 -27.46 -31.17
CA CYS B 80 -22.34 -26.65 -30.18
C CYS B 80 -22.54 -27.27 -28.81
N ARG B 81 -21.41 -27.55 -28.16
CA ARG B 81 -21.32 -28.30 -26.90
C ARG B 81 -20.70 -27.41 -25.84
N VAL B 82 -21.33 -27.35 -24.68
CA VAL B 82 -21.00 -26.34 -23.66
C VAL B 82 -20.91 -26.88 -22.23
N LYS B 83 -19.82 -26.53 -21.54
CA LYS B 83 -19.64 -26.85 -20.12
C LYS B 83 -19.72 -25.57 -19.29
N HIS B 84 -20.40 -25.66 -18.14
CA HIS B 84 -20.58 -24.51 -17.24
C HIS B 84 -21.02 -25.00 -15.87
N ALA B 85 -20.51 -24.36 -14.82
CA ALA B 85 -20.76 -24.79 -13.44
C ALA B 85 -22.23 -25.13 -13.17
N SER B 86 -23.11 -24.26 -13.68
CA SER B 86 -24.56 -24.40 -13.57
C SER B 86 -25.11 -25.72 -14.10
N MET B 87 -24.25 -26.56 -14.66
CA MET B 87 -24.70 -27.78 -15.35
C MET B 87 -23.94 -29.03 -14.91
N ALA B 88 -24.70 -30.07 -14.56
CA ALA B 88 -24.12 -31.36 -14.22
C ALA B 88 -23.42 -31.95 -15.44
N GLU B 89 -24.17 -32.10 -16.54
CA GLU B 89 -23.61 -32.62 -17.78
C GLU B 89 -23.56 -31.53 -18.84
N PRO B 90 -22.51 -31.55 -19.69
CA PRO B 90 -22.40 -30.67 -20.86
C PRO B 90 -23.64 -30.68 -21.77
N LYS B 91 -24.16 -29.51 -22.10
CA LYS B 91 -25.29 -29.41 -23.02
C LYS B 91 -24.84 -29.32 -24.46
N THR B 92 -25.35 -30.24 -25.28
CA THR B 92 -25.11 -30.21 -26.72
C THR B 92 -26.36 -29.80 -27.52
N VAL B 93 -26.18 -28.81 -28.39
CA VAL B 93 -27.25 -28.39 -29.29
C VAL B 93 -26.79 -28.62 -30.73
N TYR B 94 -27.62 -29.32 -31.50
CA TYR B 94 -27.29 -29.63 -32.89
C TYR B 94 -27.79 -28.56 -33.86
N TRP B 95 -27.07 -28.38 -34.95
CA TRP B 95 -27.52 -27.51 -36.02
C TRP B 95 -28.64 -28.18 -36.81
N ASP B 96 -29.67 -27.40 -37.12
CA ASP B 96 -30.81 -27.86 -37.89
C ASP B 96 -31.29 -26.73 -38.78
N ARG B 97 -31.48 -27.01 -40.07
CA ARG B 97 -32.00 -26.02 -41.04
C ARG B 97 -33.48 -25.61 -40.79
N THR C 3 14.84 -1.53 -4.32
CA THR C 3 13.60 -1.07 -3.61
C THR C 3 12.99 0.13 -4.31
N GLN C 4 11.81 0.55 -3.85
CA GLN C 4 11.00 1.54 -4.57
C GLN C 4 11.11 3.00 -4.08
N VAL C 5 11.80 3.21 -2.97
CA VAL C 5 11.96 4.57 -2.44
C VAL C 5 13.41 4.77 -2.03
N GLU C 6 14.09 5.74 -2.66
CA GLU C 6 15.52 5.97 -2.42
C GLU C 6 15.84 7.39 -1.95
N GLN C 7 16.63 7.48 -0.88
CA GLN C 7 17.04 8.76 -0.31
C GLN C 7 18.51 9.10 -0.55
N SER C 8 18.76 10.40 -0.64
CA SER C 8 20.10 10.95 -0.87
C SER C 8 20.22 12.34 -0.23
N PRO C 9 21.39 12.67 0.36
CA PRO C 9 22.54 11.83 0.60
C PRO C 9 22.23 10.77 1.63
N GLN C 10 23.06 9.74 1.70
CA GLN C 10 22.90 8.69 2.68
C GLN C 10 23.08 9.30 4.08
N SER C 11 24.10 10.15 4.23
CA SER C 11 24.34 10.91 5.46
C SER C 11 25.10 12.19 5.14
N LEU C 12 24.95 13.22 5.97
CA LEU C 12 25.65 14.49 5.78
C LEU C 12 25.98 15.20 7.10
N VAL C 13 27.01 16.05 7.09
CA VAL C 13 27.42 16.80 8.28
C VAL C 13 27.39 18.30 8.02
N VAL C 14 26.64 19.06 8.83
CA VAL C 14 26.60 20.52 8.66
C VAL C 14 26.87 21.29 9.93
N ARG C 15 27.29 22.54 9.78
CA ARG C 15 27.51 23.46 10.89
C ARG C 15 26.19 24.17 11.12
N GLN C 16 25.82 24.37 12.38
CA GLN C 16 24.57 25.03 12.72
C GLN C 16 24.43 26.39 12.01
N GLY C 17 23.21 26.67 11.53
CA GLY C 17 22.92 27.90 10.81
C GLY C 17 22.79 27.63 9.33
N GLU C 18 23.52 26.63 8.84
CA GLU C 18 23.55 26.31 7.41
C GLU C 18 22.29 25.58 7.06
N ASN C 19 21.89 25.68 5.79
CA ASN C 19 20.71 24.97 5.26
C ASN C 19 21.13 23.67 4.60
N CYS C 20 20.22 22.72 4.58
CA CYS C 20 20.49 21.54 3.78
C CYS C 20 19.29 21.08 2.97
N VAL C 21 19.60 20.29 1.94
CA VAL C 21 18.63 19.77 0.99
C VAL C 21 18.64 18.26 1.06
N LEU C 22 17.49 17.65 1.31
CA LEU C 22 17.41 16.19 1.32
C LEU C 22 16.49 15.68 0.19
N GLN C 23 16.92 14.62 -0.48
CA GLN C 23 16.13 14.15 -1.63
C GLN C 23 15.46 12.81 -1.44
N CYS C 24 14.25 12.69 -2.00
CA CYS C 24 13.54 11.43 -2.14
C CYS C 24 13.23 11.17 -3.60
N ASN C 25 13.61 10.00 -4.08
CA ASN C 25 13.31 9.56 -5.44
C ASN C 25 12.66 8.19 -5.36
N TYR C 26 11.49 8.07 -5.97
CA TYR C 26 10.74 6.83 -5.84
C TYR C 26 10.24 6.27 -7.18
N SER C 27 9.92 4.99 -7.20
CA SER C 27 9.25 4.37 -8.35
C SER C 27 7.84 3.82 -8.04
N VAL C 28 7.29 4.16 -6.87
CA VAL C 28 5.99 3.65 -6.42
C VAL C 28 4.85 4.03 -7.37
N THR C 29 3.83 3.15 -7.48
CA THR C 29 2.70 3.35 -8.37
C THR C 29 1.43 2.69 -7.86
N PRO C 30 0.34 3.46 -7.74
CA PRO C 30 0.33 4.90 -7.89
C PRO C 30 0.91 5.56 -6.66
N ASP C 31 1.12 6.87 -6.74
CA ASP C 31 1.77 7.65 -5.69
C ASP C 31 0.78 8.69 -5.18
N ASN C 32 0.04 8.33 -4.15
CA ASN C 32 -0.99 9.23 -3.64
C ASN C 32 -0.39 10.41 -2.89
N HIS C 33 0.47 10.11 -1.93
CA HIS C 33 1.03 11.15 -1.07
C HIS C 33 2.44 10.77 -0.61
N LEU C 34 3.21 11.77 -0.22
CA LEU C 34 4.57 11.55 0.29
C LEU C 34 4.74 12.23 1.63
N ARG C 35 5.33 11.52 2.59
CA ARG C 35 5.44 12.02 3.94
C ARG C 35 6.88 11.98 4.40
N TRP C 36 7.34 13.06 5.00
CA TRP C 36 8.70 13.12 5.54
C TRP C 36 8.63 13.06 7.06
N PHE C 37 9.42 12.16 7.64
CA PHE C 37 9.45 12.00 9.08
C PHE C 37 10.81 12.41 9.60
N LYS C 38 10.86 12.86 10.85
CA LYS C 38 12.09 13.04 11.60
C LYS C 38 12.15 11.98 12.70
N GLN C 39 13.26 11.24 12.77
CA GLN C 39 13.51 10.25 13.84
C GLN C 39 14.83 10.47 14.58
N ASP C 40 14.73 10.92 15.83
CA ASP C 40 15.87 10.95 16.75
C ASP C 40 16.34 9.54 17.06
N THR C 41 17.64 9.41 17.28
CA THR C 41 18.26 8.13 17.55
C THR C 41 17.52 7.40 18.69
N GLY C 42 17.21 6.14 18.42
CA GLY C 42 16.47 5.29 19.34
C GLY C 42 15.18 5.93 19.79
N LYS C 43 14.35 6.30 18.83
CA LYS C 43 13.14 7.05 19.11
C LYS C 43 12.12 6.82 18.00
N GLY C 44 11.12 7.69 17.94
CA GLY C 44 9.95 7.41 17.16
C GLY C 44 9.84 8.32 15.98
N LEU C 45 8.82 8.06 15.17
CA LEU C 45 8.60 8.75 13.93
C LEU C 45 7.72 9.96 14.14
N VAL C 46 8.31 11.15 14.12
CA VAL C 46 7.57 12.40 14.18
C VAL C 46 7.36 12.93 12.76
N SER C 47 6.10 13.04 12.34
CA SER C 47 5.74 13.57 11.01
C SER C 47 6.03 15.05 10.88
N LEU C 48 6.73 15.42 9.80
CA LEU C 48 7.08 16.82 9.55
C LEU C 48 6.09 17.48 8.64
N THR C 49 5.70 16.75 7.58
CA THR C 49 4.84 17.29 6.54
C THR C 49 4.38 16.19 5.60
N VAL C 50 3.29 16.44 4.88
CA VAL C 50 2.79 15.47 3.94
C VAL C 50 2.39 16.22 2.67
N LEU C 51 2.88 15.76 1.53
CA LEU C 51 2.61 16.44 0.27
C LEU C 51 1.67 15.59 -0.58
N VAL C 52 0.63 16.20 -1.14
CA VAL C 52 -0.46 15.43 -1.78
C VAL C 52 -0.69 15.66 -3.26
N ASP C 53 -0.39 16.84 -3.77
CA ASP C 53 -0.76 17.23 -5.13
C ASP C 53 0.32 16.97 -6.15
N GLN C 54 -0.05 16.97 -7.43
CA GLN C 54 0.86 16.67 -8.55
C GLN C 54 2.19 17.44 -8.44
N LYS C 55 2.09 18.75 -8.29
CA LYS C 55 3.24 19.57 -7.95
C LYS C 55 2.85 20.30 -6.70
N ASP C 56 3.45 19.92 -5.58
CA ASP C 56 3.03 20.40 -4.27
C ASP C 56 4.20 21.02 -3.53
N LYS C 57 3.87 21.99 -2.67
CA LYS C 57 4.86 22.65 -1.80
C LYS C 57 4.24 22.81 -0.42
N THR C 58 5.00 22.49 0.61
CA THR C 58 4.53 22.62 1.98
C THR C 58 5.63 23.24 2.85
N SER C 59 5.24 23.82 3.99
CA SER C 59 6.22 24.25 4.98
C SER C 59 5.75 24.07 6.42
N ASN C 60 6.71 24.02 7.33
CA ASN C 60 6.43 23.81 8.74
C ASN C 60 7.61 24.33 9.53
N GLY C 61 7.47 25.54 10.06
CA GLY C 61 8.59 26.24 10.69
C GLY C 61 9.78 26.30 9.77
N ARG C 62 10.85 25.59 10.12
CA ARG C 62 12.11 25.71 9.40
C ARG C 62 12.26 24.65 8.30
N TYR C 63 11.26 23.76 8.22
CA TYR C 63 11.24 22.72 7.21
C TYR C 63 10.30 23.16 6.10
N SER C 64 10.78 23.17 4.86
CA SER C 64 9.89 23.32 3.73
C SER C 64 10.16 22.16 2.79
N ALA C 65 9.17 21.79 1.99
CA ALA C 65 9.30 20.62 1.12
C ALA C 65 8.55 20.79 -0.18
N THR C 66 9.02 20.10 -1.23
CA THR C 66 8.31 20.08 -2.49
C THR C 66 8.19 18.67 -3.10
N LEU C 67 7.08 18.41 -3.77
CA LEU C 67 6.86 17.14 -4.46
C LEU C 67 6.56 17.42 -5.91
N ASP C 68 7.12 16.60 -6.81
CA ASP C 68 6.78 16.58 -8.24
C ASP C 68 6.47 15.13 -8.60
N LYS C 69 5.21 14.86 -8.90
CA LYS C 69 4.78 13.49 -9.18
C LYS C 69 5.10 12.96 -10.58
N ASP C 70 5.46 13.84 -11.51
CA ASP C 70 5.92 13.40 -12.83
C ASP C 70 7.34 12.90 -12.74
N ALA C 71 8.19 13.69 -12.07
CA ALA C 71 9.57 13.33 -11.83
C ALA C 71 9.65 12.22 -10.80
N LYS C 72 8.56 12.02 -10.07
CA LYS C 72 8.51 11.12 -8.91
C LYS C 72 9.71 11.44 -8.05
N HIS C 73 9.66 12.63 -7.45
CA HIS C 73 10.77 13.19 -6.70
C HIS C 73 10.32 14.21 -5.63
N SER C 74 10.96 14.18 -4.46
CA SER C 74 10.68 15.16 -3.40
C SER C 74 11.97 15.65 -2.75
N THR C 75 12.01 16.94 -2.44
CA THR C 75 13.13 17.50 -1.67
C THR C 75 12.61 18.15 -0.41
N LEU C 76 13.39 18.05 0.66
CA LEU C 76 13.07 18.61 1.95
C LEU C 76 14.18 19.57 2.35
N HIS C 77 13.85 20.85 2.49
CA HIS C 77 14.81 21.88 2.80
C HIS C 77 14.69 22.19 4.27
N ILE C 78 15.79 22.12 5.00
CA ILE C 78 15.82 22.59 6.38
C ILE C 78 16.56 23.93 6.36
N THR C 79 15.96 24.99 6.90
CA THR C 79 16.62 26.30 6.90
C THR C 79 17.22 26.58 8.27
N ALA C 80 18.42 27.16 8.29
CA ALA C 80 19.07 27.55 9.54
C ALA C 80 19.03 26.42 10.55
N THR C 81 19.95 25.47 10.40
CA THR C 81 19.91 24.25 11.17
C THR C 81 20.27 24.50 12.63
N LEU C 82 19.58 23.77 13.51
CA LEU C 82 19.88 23.79 14.93
C LEU C 82 20.33 22.41 15.35
N LEU C 83 21.18 22.36 16.39
CA LEU C 83 21.71 21.11 16.92
C LEU C 83 20.64 20.02 17.01
N ASP C 84 19.46 20.37 17.50
CA ASP C 84 18.32 19.44 17.60
C ASP C 84 17.94 18.68 16.34
N ASP C 85 18.19 19.26 15.17
CA ASP C 85 17.97 18.60 13.88
C ASP C 85 18.83 17.36 13.61
N THR C 86 19.84 17.11 14.44
CA THR C 86 20.57 15.87 14.39
C THR C 86 19.60 14.71 14.59
N ALA C 87 19.42 13.96 13.51
CA ALA C 87 18.39 12.94 13.43
C ALA C 87 18.51 12.23 12.09
N THR C 88 17.75 11.15 11.94
CA THR C 88 17.56 10.49 10.65
C THR C 88 16.25 10.99 10.06
N TYR C 89 16.27 11.33 8.77
CA TYR C 89 15.09 11.84 8.10
C TYR C 89 14.60 10.80 7.13
N ILE C 90 13.32 10.47 7.23
CA ILE C 90 12.75 9.30 6.54
C ILE C 90 11.62 9.65 5.58
N CYS C 91 11.67 9.03 4.42
CA CYS C 91 10.74 9.31 3.34
C CYS C 91 9.75 8.16 3.18
N VAL C 92 8.45 8.48 3.01
CA VAL C 92 7.43 7.45 2.85
C VAL C 92 6.43 7.81 1.76
N VAL C 93 6.10 6.84 0.91
CA VAL C 93 5.12 7.06 -0.17
C VAL C 93 3.90 6.15 -0.03
N GLY C 94 2.72 6.72 -0.24
CA GLY C 94 1.45 6.02 -0.04
C GLY C 94 0.77 5.64 -1.34
N ASP C 95 0.62 4.33 -1.54
CA ASP C 95 -0.19 3.67 -2.59
C ASP C 95 -1.56 4.27 -2.85
N ARG C 96 -2.30 4.57 -1.79
CA ARG C 96 -3.70 4.95 -1.90
C ARG C 96 -3.99 6.12 -0.99
N GLY C 97 -5.11 6.80 -1.26
CA GLY C 97 -5.61 7.83 -0.36
C GLY C 97 -6.56 7.25 0.67
N SER C 98 -6.37 5.98 1.03
CA SER C 98 -7.20 5.28 2.03
C SER C 98 -6.45 4.16 2.76
N ALA C 99 -7.12 3.52 3.72
CA ALA C 99 -6.56 2.41 4.49
C ALA C 99 -6.06 1.25 3.64
N LEU C 100 -6.55 1.17 2.40
CA LEU C 100 -6.21 0.10 1.44
C LEU C 100 -4.74 0.16 0.98
N GLY C 101 -4.09 1.29 1.22
CA GLY C 101 -2.73 1.52 0.76
C GLY C 101 -1.64 0.93 1.63
N ARG C 102 -0.48 0.73 1.01
CA ARG C 102 0.72 0.25 1.68
C ARG C 102 1.70 1.41 1.65
N LEU C 103 2.44 1.58 2.76
CA LEU C 103 3.46 2.62 2.86
C LEU C 103 4.80 2.04 2.41
N HIS C 104 5.58 2.86 1.71
CA HIS C 104 6.84 2.43 1.11
C HIS C 104 7.97 3.32 1.63
N PHE C 105 8.85 2.74 2.44
CA PHE C 105 9.78 3.51 3.26
C PHE C 105 11.18 3.64 2.67
N GLY C 106 11.73 4.85 2.76
CA GLY C 106 13.15 5.06 2.47
C GLY C 106 13.98 4.62 3.66
N ALA C 107 15.26 4.34 3.42
CA ALA C 107 16.17 3.97 4.50
C ALA C 107 16.70 5.19 5.24
N GLY C 108 16.20 6.37 4.91
CA GLY C 108 16.62 7.55 5.65
C GLY C 108 17.85 8.26 5.15
N THR C 109 18.03 9.49 5.63
CA THR C 109 19.24 10.28 5.47
C THR C 109 19.61 10.65 6.89
N GLN C 110 20.85 10.40 7.29
CA GLN C 110 21.30 10.72 8.63
C GLN C 110 21.90 12.14 8.68
N LEU C 111 21.34 13.04 9.49
CA LEU C 111 21.91 14.37 9.61
C LEU C 111 22.67 14.57 10.92
N ILE C 112 23.88 15.13 10.82
CA ILE C 112 24.61 15.65 12.01
C ILE C 112 24.81 17.15 11.85
N VAL C 113 24.38 17.90 12.85
CA VAL C 113 24.57 19.35 12.88
C VAL C 113 25.58 19.69 13.97
N ILE C 114 26.75 20.19 13.57
CA ILE C 114 27.78 20.62 14.54
C ILE C 114 27.36 21.95 15.16
N PRO C 115 27.23 22.00 16.50
CA PRO C 115 26.83 23.22 17.18
C PRO C 115 27.95 24.25 17.24
N ASP C 116 27.62 25.53 17.12
CA ASP C 116 28.63 26.58 17.20
C ASP C 116 28.91 26.92 18.67
N ILE C 117 30.12 26.59 19.12
CA ILE C 117 30.55 26.85 20.49
C ILE C 117 31.00 28.29 20.64
N GLN C 118 30.15 29.09 21.27
CA GLN C 118 30.30 30.55 21.28
C GLN C 118 31.60 30.98 21.96
N ASN C 119 31.75 30.54 23.21
CA ASN C 119 32.78 31.06 24.09
C ASN C 119 33.56 29.93 24.73
N PRO C 120 34.55 29.40 23.99
CA PRO C 120 35.41 28.30 24.43
C PRO C 120 36.14 28.61 25.74
N ASP C 121 36.23 27.62 26.62
CA ASP C 121 36.97 27.75 27.86
C ASP C 121 37.51 26.37 28.25
N PRO C 122 38.39 25.78 27.40
CA PRO C 122 38.79 24.37 27.55
C PRO C 122 39.47 24.05 28.88
N ALA C 123 38.90 23.08 29.59
CA ALA C 123 39.38 22.73 30.92
C ALA C 123 39.26 21.24 31.17
N VAL C 124 40.09 20.74 32.08
CA VAL C 124 40.02 19.35 32.52
C VAL C 124 39.86 19.30 34.04
N TYR C 125 38.75 18.77 34.50
CA TYR C 125 38.47 18.72 35.94
C TYR C 125 38.50 17.31 36.54
N GLN C 126 38.76 17.26 37.85
CA GLN C 126 38.61 16.01 38.60
C GLN C 126 37.33 16.04 39.46
N LEU C 127 36.47 15.06 39.24
CA LEU C 127 35.21 14.89 39.99
C LEU C 127 35.28 13.62 40.81
N ARG C 128 34.75 13.66 42.03
CA ARG C 128 34.87 12.52 42.95
C ARG C 128 33.57 11.76 43.18
N ASP C 129 33.67 10.44 43.39
CA ASP C 129 32.52 9.57 43.69
C ASP C 129 31.90 9.95 45.03
N SER C 130 30.60 10.22 45.03
CA SER C 130 29.85 10.63 46.22
C SER C 130 29.95 9.64 47.39
N LYS C 131 29.82 8.36 47.07
CA LYS C 131 29.96 7.32 48.06
C LYS C 131 31.43 6.95 48.31
N SER C 132 32.33 7.49 47.49
CA SER C 132 33.75 7.10 47.56
C SER C 132 34.77 8.21 47.38
N SER C 133 35.39 8.59 48.51
CA SER C 133 36.54 9.50 48.51
C SER C 133 37.51 9.20 47.37
N ASP C 134 37.89 7.93 47.25
CA ASP C 134 38.99 7.44 46.39
C ASP C 134 38.78 7.38 44.86
N LYS C 135 37.57 7.00 44.41
CA LYS C 135 37.33 6.82 42.97
C LYS C 135 36.98 8.14 42.28
N SER C 136 37.52 8.36 41.08
CA SER C 136 37.26 9.63 40.37
C SER C 136 37.18 9.52 38.84
N VAL C 137 36.75 10.62 38.22
CA VAL C 137 36.68 10.74 36.76
C VAL C 137 37.37 12.04 36.33
N CYS C 138 37.80 12.11 35.08
CA CYS C 138 38.32 13.36 34.55
C CYS C 138 37.44 13.87 33.42
N LEU C 139 36.88 15.05 33.61
CA LEU C 139 36.00 15.67 32.66
C LEU C 139 36.76 16.71 31.85
N PHE C 140 36.91 16.46 30.56
CA PHE C 140 37.50 17.42 29.64
C PHE C 140 36.30 18.17 29.10
N THR C 141 36.26 19.48 29.29
CA THR C 141 35.03 20.21 28.95
C THR C 141 35.30 21.56 28.31
N ASP C 142 34.26 22.13 27.72
CA ASP C 142 34.27 23.48 27.15
C ASP C 142 35.28 23.70 25.99
N PHE C 143 35.58 22.63 25.25
CA PHE C 143 36.33 22.75 24.00
C PHE C 143 35.40 23.04 22.81
N ASP C 144 35.92 23.71 21.78
CA ASP C 144 35.14 23.98 20.58
C ASP C 144 35.08 22.75 19.68
N SER C 145 34.26 22.82 18.64
CA SER C 145 33.96 21.64 17.85
C SER C 145 35.00 21.37 16.76
N GLN C 146 36.24 21.76 17.04
CA GLN C 146 37.36 21.51 16.12
C GLN C 146 38.42 20.69 16.84
N THR C 147 38.06 20.22 18.03
CA THR C 147 38.93 19.41 18.87
C THR C 147 38.52 17.94 18.78
N ASN C 148 39.43 17.11 18.31
CA ASN C 148 39.21 15.66 18.28
C ASN C 148 39.56 15.05 19.62
N VAL C 149 38.63 14.27 20.18
CA VAL C 149 38.91 13.50 21.39
C VAL C 149 39.19 12.05 21.02
N SER C 150 40.45 11.66 21.12
CA SER C 150 40.91 10.34 20.71
C SER C 150 40.99 9.42 21.92
N GLN C 151 40.99 8.10 21.68
CA GLN C 151 41.19 7.11 22.75
C GLN C 151 42.65 7.13 23.27
N SER C 152 42.85 6.69 24.51
CA SER C 152 44.19 6.67 25.12
C SER C 152 44.96 5.40 24.78
N LYS C 153 46.28 5.46 24.97
CA LYS C 153 47.19 4.34 24.71
C LYS C 153 46.97 3.15 25.66
N ASP C 154 46.67 3.42 26.93
CA ASP C 154 46.42 2.35 27.89
C ASP C 154 45.06 1.67 27.66
N SER C 155 45.10 0.35 27.67
CA SER C 155 43.92 -0.51 27.49
C SER C 155 42.99 -0.42 28.70
N ASP C 156 43.54 -0.02 29.84
CA ASP C 156 42.80 0.08 31.11
C ASP C 156 42.27 1.49 31.39
N VAL C 157 42.64 2.45 30.55
CA VAL C 157 42.04 3.77 30.60
C VAL C 157 40.85 3.81 29.65
N TYR C 158 39.80 4.54 30.04
CA TYR C 158 38.58 4.65 29.25
C TYR C 158 38.31 6.10 28.94
N ILE C 159 38.05 6.39 27.67
CA ILE C 159 37.66 7.73 27.24
C ILE C 159 36.42 7.69 26.36
N THR C 160 35.38 8.40 26.77
CA THR C 160 34.16 8.50 25.97
C THR C 160 34.36 9.56 24.91
N ASP C 161 33.72 9.41 23.76
CA ASP C 161 33.76 10.44 22.73
C ASP C 161 33.00 11.68 23.20
N LYS C 162 33.18 12.80 22.49
CA LYS C 162 32.55 14.06 22.86
C LYS C 162 31.03 14.01 22.78
N CYS C 163 30.36 14.85 23.57
CA CYS C 163 28.96 15.13 23.32
C CYS C 163 28.53 16.52 23.83
N VAL C 164 27.53 17.11 23.19
CA VAL C 164 27.07 18.45 23.56
C VAL C 164 25.80 18.47 24.38
N LEU C 165 25.88 19.17 25.50
CA LEU C 165 24.70 19.44 26.33
C LEU C 165 24.20 20.86 26.07
N ASP C 166 22.92 21.09 26.34
CA ASP C 166 22.28 22.37 26.11
C ASP C 166 21.50 22.82 27.35
N MET C 167 22.03 23.83 28.02
CA MET C 167 21.37 24.44 29.17
C MET C 167 20.35 25.44 28.65
N ARG C 168 19.25 24.88 28.17
CA ARG C 168 18.30 25.59 27.31
C ARG C 168 17.94 26.99 27.80
N SER C 169 17.60 27.11 29.09
CA SER C 169 17.14 28.38 29.67
C SER C 169 18.19 29.50 29.59
N MET C 170 19.45 29.11 29.48
CA MET C 170 20.55 30.06 29.41
C MET C 170 21.15 30.24 28.02
N ASP C 171 20.61 29.54 27.02
CA ASP C 171 21.12 29.59 25.64
C ASP C 171 22.58 29.10 25.57
N PHE C 172 22.95 28.21 26.49
CA PHE C 172 24.33 27.80 26.64
C PHE C 172 24.59 26.33 26.25
N LYS C 173 25.63 26.12 25.45
CA LYS C 173 26.01 24.78 25.00
C LYS C 173 27.48 24.51 25.30
N SER C 174 27.78 23.26 25.71
CA SER C 174 29.15 22.83 25.95
C SER C 174 29.43 21.39 25.50
N ASN C 175 30.59 21.20 24.87
CA ASN C 175 31.12 19.88 24.57
C ASN C 175 31.82 19.35 25.81
N SER C 176 31.90 18.04 25.95
CA SER C 176 32.67 17.43 27.03
C SER C 176 33.07 16.00 26.67
N ALA C 177 34.07 15.47 27.37
CA ALA C 177 34.37 14.04 27.33
C ALA C 177 34.78 13.55 28.73
N VAL C 178 34.39 12.33 29.08
CA VAL C 178 34.79 11.75 30.37
C VAL C 178 35.91 10.73 30.18
N ALA C 179 36.85 10.72 31.12
CA ALA C 179 37.88 9.70 31.13
C ALA C 179 38.08 9.19 32.54
N TRP C 180 38.22 7.87 32.67
CA TRP C 180 38.56 7.21 33.94
C TRP C 180 39.45 5.98 33.71
N SER C 181 40.04 5.46 34.78
CA SER C 181 40.78 4.20 34.73
C SER C 181 40.75 3.47 36.06
N ASN C 182 40.62 2.14 35.98
CA ASN C 182 40.55 1.27 37.15
C ASN C 182 41.90 1.13 37.89
N LYS C 183 42.76 2.14 37.76
CA LYS C 183 44.00 2.24 38.53
C LYS C 183 43.83 3.29 39.63
N SER C 184 44.55 3.12 40.74
CA SER C 184 44.58 4.14 41.80
C SER C 184 45.44 5.34 41.39
N ASP C 185 46.64 5.08 40.86
CA ASP C 185 47.66 6.11 40.54
C ASP C 185 47.53 6.82 39.17
N PHE C 186 46.29 7.00 38.71
CA PHE C 186 45.99 7.61 37.41
C PHE C 186 45.62 9.09 37.60
N ALA C 187 46.14 9.96 36.72
CA ALA C 187 45.94 11.41 36.84
C ALA C 187 45.33 12.08 35.60
N CYS C 188 44.68 13.22 35.82
CA CYS C 188 43.96 13.93 34.76
C CYS C 188 44.84 14.68 33.76
N ALA C 189 45.91 15.31 34.23
CA ALA C 189 46.83 15.99 33.34
C ALA C 189 47.44 14.97 32.36
N ASN C 190 47.35 13.70 32.72
CA ASN C 190 47.81 12.58 31.90
C ASN C 190 46.68 11.97 31.09
N ALA C 191 45.44 12.33 31.41
CA ALA C 191 44.26 11.66 30.85
C ALA C 191 44.08 11.84 29.35
N PHE C 192 44.38 13.04 28.85
CA PHE C 192 44.15 13.33 27.44
C PHE C 192 45.46 13.60 26.68
N ASN C 193 46.47 12.81 27.04
CA ASN C 193 47.77 12.79 26.37
C ASN C 193 47.66 12.47 24.88
N ASN C 194 46.87 11.45 24.54
CA ASN C 194 46.75 11.00 23.14
C ASN C 194 45.74 11.79 22.31
N SER C 195 45.17 12.83 22.91
CA SER C 195 44.35 13.79 22.18
C SER C 195 45.16 15.04 21.86
N ILE C 196 44.95 15.60 20.67
CA ILE C 196 45.49 16.90 20.32
C ILE C 196 44.52 17.94 20.90
N ILE C 197 44.91 18.48 22.06
CA ILE C 197 44.09 19.44 22.80
C ILE C 197 44.69 20.85 22.76
N PRO C 198 43.83 21.89 22.86
CA PRO C 198 44.24 23.31 22.87
C PRO C 198 45.37 23.64 23.85
N GLU C 199 46.15 24.66 23.51
CA GLU C 199 47.16 25.15 24.44
C GLU C 199 46.51 25.90 25.62
N ASP C 200 45.25 26.33 25.46
CA ASP C 200 44.52 27.03 26.52
C ASP C 200 44.28 26.14 27.74
N THR C 201 43.89 24.88 27.48
CA THR C 201 43.36 23.97 28.51
C THR C 201 43.71 24.34 29.96
N PHE C 202 42.66 24.59 30.74
CA PHE C 202 42.78 24.80 32.17
C PHE C 202 43.01 23.47 32.89
N PHE C 203 44.25 23.27 33.36
CA PHE C 203 44.60 22.17 34.25
C PHE C 203 44.81 22.78 35.64
N PRO C 204 43.79 22.65 36.53
CA PRO C 204 43.80 23.27 37.85
C PRO C 204 44.78 22.63 38.86
N SER C 205 44.41 22.67 40.15
CA SER C 205 45.30 22.21 41.22
C SER C 205 44.50 21.78 42.45
N ALA D 3 -4.34 11.30 19.16
CA ALA D 3 -4.47 9.91 18.62
C ALA D 3 -3.23 9.00 18.89
N ALA D 4 -3.15 8.49 20.14
CA ALA D 4 -1.97 7.79 20.67
C ALA D 4 -1.96 6.27 20.52
N VAL D 5 -0.75 5.72 20.37
CA VAL D 5 -0.50 4.28 20.24
C VAL D 5 0.60 3.81 21.21
N THR D 6 0.25 2.85 22.08
CA THR D 6 1.16 2.35 23.11
C THR D 6 1.72 1.00 22.73
N GLN D 7 2.99 0.77 23.05
CA GLN D 7 3.66 -0.50 22.77
C GLN D 7 4.30 -1.01 24.03
N SER D 8 4.14 -2.30 24.32
CA SER D 8 4.88 -2.89 25.42
C SER D 8 5.43 -4.27 25.05
N PRO D 9 6.63 -4.61 25.56
CA PRO D 9 7.53 -3.77 26.33
C PRO D 9 8.27 -2.82 25.41
N ARG D 10 9.05 -1.92 25.98
CA ARG D 10 9.77 -0.95 25.17
C ARG D 10 11.15 -1.48 24.83
N ASN D 11 11.54 -2.55 25.51
CA ASN D 11 12.86 -3.10 25.39
C ASN D 11 12.84 -4.53 25.93
N LYS D 12 13.40 -5.48 25.16
CA LYS D 12 13.38 -6.90 25.54
C LYS D 12 14.68 -7.63 25.16
N VAL D 13 15.20 -8.37 26.13
CA VAL D 13 16.33 -9.29 25.92
C VAL D 13 15.81 -10.73 26.00
N ALA D 14 15.99 -11.46 24.91
CA ALA D 14 15.47 -12.83 24.78
C ALA D 14 16.53 -13.79 24.27
N VAL D 15 16.34 -15.07 24.58
CA VAL D 15 17.24 -16.13 24.14
C VAL D 15 16.66 -16.83 22.91
N THR D 16 17.54 -17.43 22.12
CA THR D 16 17.15 -18.25 20.95
C THR D 16 16.19 -19.36 21.37
N GLY D 17 15.13 -19.53 20.59
CA GLY D 17 14.19 -20.62 20.80
C GLY D 17 13.12 -20.32 21.85
N GLY D 18 13.23 -19.17 22.50
CA GLY D 18 12.24 -18.76 23.50
C GLY D 18 11.12 -17.93 22.90
N LYS D 19 9.98 -17.90 23.60
CA LYS D 19 8.79 -17.19 23.12
C LYS D 19 8.81 -15.73 23.50
N VAL D 20 8.71 -14.85 22.50
CA VAL D 20 8.63 -13.42 22.77
C VAL D 20 7.34 -12.86 22.20
N THR D 21 6.61 -12.13 23.04
CA THR D 21 5.38 -11.49 22.61
C THR D 21 5.47 -10.00 22.77
N LEU D 22 5.48 -9.31 21.64
CA LEU D 22 5.40 -7.86 21.60
C LEU D 22 3.95 -7.47 21.48
N SER D 23 3.56 -6.40 22.16
CA SER D 23 2.16 -6.04 22.25
C SER D 23 1.97 -4.57 21.88
N CYS D 24 0.80 -4.26 21.33
CA CYS D 24 0.48 -2.92 20.92
C CYS D 24 -0.96 -2.60 21.27
N ASN D 25 -1.19 -1.39 21.76
CA ASN D 25 -2.52 -1.01 22.25
C ASN D 25 -2.95 0.39 21.83
N GLN D 26 -4.18 0.51 21.33
CA GLN D 26 -4.74 1.80 20.88
C GLN D 26 -6.20 2.00 21.21
N THR D 27 -6.50 3.10 21.90
CA THR D 27 -7.87 3.41 22.35
C THR D 27 -8.59 4.39 21.42
N ASN D 28 -8.13 4.46 20.18
CA ASN D 28 -8.66 5.38 19.17
C ASN D 28 -9.91 4.85 18.47
N ASN D 29 -10.22 3.58 18.74
CA ASN D 29 -11.22 2.82 18.01
C ASN D 29 -10.89 2.65 16.53
N HIS D 30 -9.60 2.63 16.19
CA HIS D 30 -9.19 2.30 14.82
C HIS D 30 -9.41 0.83 14.50
N ASN D 31 -10.00 0.57 13.34
CA ASN D 31 -10.20 -0.79 12.89
C ASN D 31 -8.88 -1.50 12.54
N ASN D 32 -7.91 -0.74 12.05
CA ASN D 32 -6.77 -1.30 11.34
C ASN D 32 -5.44 -1.12 12.06
N MET D 33 -4.65 -2.18 12.18
CA MET D 33 -3.36 -2.08 12.86
C MET D 33 -2.24 -2.82 12.09
N TYR D 34 -0.99 -2.44 12.32
CA TYR D 34 0.11 -2.89 11.45
C TYR D 34 1.40 -3.02 12.25
N TRP D 35 2.12 -4.12 12.02
CA TRP D 35 3.40 -4.37 12.68
C TRP D 35 4.55 -4.28 11.70
N TYR D 36 5.48 -3.38 12.03
CA TYR D 36 6.69 -3.14 11.23
C TYR D 36 7.98 -3.47 11.98
N ARG D 37 9.07 -3.71 11.23
CA ARG D 37 10.42 -3.73 11.81
C ARG D 37 11.38 -2.80 11.07
N GLN D 38 12.34 -2.24 11.82
CA GLN D 38 13.33 -1.31 11.29
C GLN D 38 14.77 -1.80 11.53
N ASP D 39 15.49 -2.06 10.45
CA ASP D 39 16.89 -2.49 10.51
C ASP D 39 17.75 -1.56 9.68
N THR D 40 18.96 -1.29 10.15
CA THR D 40 19.79 -0.28 9.50
C THR D 40 19.99 -0.62 8.03
N GLY D 41 19.83 0.39 7.18
CA GLY D 41 20.01 0.22 5.74
C GLY D 41 18.81 -0.34 5.00
N HIS D 42 17.70 -0.53 5.72
CA HIS D 42 16.39 -0.85 5.12
C HIS D 42 15.40 0.11 5.71
N GLY D 43 14.40 0.50 4.92
CA GLY D 43 13.28 1.26 5.46
C GLY D 43 12.40 0.32 6.24
N LEU D 44 11.35 0.85 6.88
CA LEU D 44 10.40 0.01 7.59
C LEU D 44 9.81 -1.09 6.71
N ARG D 45 9.66 -2.28 7.26
CA ARG D 45 9.10 -3.42 6.53
C ARG D 45 7.89 -4.01 7.26
N LEU D 46 6.79 -4.13 6.53
CA LEU D 46 5.56 -4.67 7.10
C LEU D 46 5.66 -6.20 7.36
N ILE D 47 5.22 -6.66 8.54
CA ILE D 47 5.28 -8.09 8.84
C ILE D 47 3.90 -8.72 8.79
N HIS D 48 3.00 -8.21 9.61
CA HIS D 48 1.62 -8.65 9.67
C HIS D 48 0.76 -7.42 9.84
N TYR D 49 -0.54 -7.57 9.63
CA TYR D 49 -1.48 -6.49 9.88
C TYR D 49 -2.88 -7.02 10.16
N SER D 50 -3.80 -6.13 10.50
CA SER D 50 -5.15 -6.54 10.89
C SER D 50 -6.22 -5.53 10.48
N TYR D 51 -7.40 -6.05 10.16
CA TYR D 51 -8.53 -5.21 9.83
C TYR D 51 -9.61 -5.27 10.90
N GLY D 52 -9.31 -5.88 12.03
CA GLY D 52 -10.27 -5.93 13.12
C GLY D 52 -10.05 -7.10 14.02
N ALA D 53 -10.80 -7.13 15.12
CA ALA D 53 -10.77 -8.27 16.03
C ALA D 53 -10.90 -9.56 15.23
N GLY D 54 -9.97 -10.49 15.45
CA GLY D 54 -10.07 -11.84 14.89
C GLY D 54 -9.37 -12.00 13.55
N SER D 55 -9.14 -10.89 12.86
CA SER D 55 -8.40 -10.88 11.60
C SER D 55 -6.92 -10.73 11.87
N THR D 56 -6.09 -11.59 11.26
CA THR D 56 -4.68 -11.28 11.08
C THR D 56 -4.31 -11.55 9.64
N GLU D 57 -3.37 -10.76 9.12
CA GLU D 57 -2.98 -10.80 7.71
C GLU D 57 -1.48 -10.79 7.53
N LYS D 58 -0.97 -11.71 6.70
CA LYS D 58 0.42 -11.68 6.32
C LYS D 58 0.78 -10.38 5.60
N GLY D 59 1.95 -9.83 5.95
CA GLY D 59 2.49 -8.64 5.30
C GLY D 59 3.52 -9.02 4.25
N ASP D 60 4.71 -8.41 4.32
CA ASP D 60 5.74 -8.57 3.30
C ASP D 60 6.83 -9.54 3.71
N ILE D 61 7.11 -9.58 5.02
CA ILE D 61 8.06 -10.51 5.57
C ILE D 61 7.48 -11.23 6.81
N PRO D 62 6.37 -11.95 6.61
CA PRO D 62 5.67 -12.56 7.74
C PRO D 62 6.44 -13.69 8.39
N ASP D 63 7.34 -14.33 7.65
CA ASP D 63 8.05 -15.54 8.11
C ASP D 63 8.77 -15.35 9.45
N GLY D 64 8.43 -16.21 10.39
CA GLY D 64 9.06 -16.20 11.71
C GLY D 64 8.14 -15.57 12.73
N TYR D 65 7.02 -15.04 12.27
CA TYR D 65 6.10 -14.25 13.10
C TYR D 65 4.68 -14.72 13.00
N LYS D 66 3.99 -14.73 14.14
CA LYS D 66 2.57 -14.98 14.21
C LYS D 66 1.90 -13.71 14.78
N ALA D 67 0.68 -13.40 14.33
CA ALA D 67 -0.04 -12.24 14.87
C ALA D 67 -1.32 -12.62 15.59
N SER D 68 -1.85 -11.69 16.37
CA SER D 68 -3.06 -11.92 17.14
C SER D 68 -3.79 -10.60 17.37
N ARG D 69 -5.06 -10.56 16.99
CA ARG D 69 -5.90 -9.40 17.25
C ARG D 69 -7.08 -9.85 18.11
N PRO D 70 -6.87 -10.01 19.42
CA PRO D 70 -7.95 -10.51 20.28
C PRO D 70 -9.06 -9.49 20.53
N SER D 71 -8.75 -8.21 20.36
CA SER D 71 -9.73 -7.15 20.54
C SER D 71 -9.43 -6.01 19.59
N GLN D 72 -10.35 -5.05 19.52
CA GLN D 72 -10.19 -3.85 18.70
C GLN D 72 -8.94 -3.11 19.14
N GLU D 73 -8.74 -3.11 20.46
CA GLU D 73 -7.68 -2.35 21.12
C GLU D 73 -6.27 -2.97 21.04
N ASN D 74 -6.16 -4.29 21.12
CA ASN D 74 -4.85 -4.94 21.13
C ASN D 74 -4.46 -5.63 19.83
N PHE D 75 -3.20 -5.44 19.42
CA PHE D 75 -2.58 -6.16 18.32
C PHE D 75 -1.21 -6.67 18.79
N SER D 76 -1.03 -7.99 18.85
CA SER D 76 0.20 -8.60 19.33
C SER D 76 1.02 -9.35 18.26
N LEU D 77 2.33 -9.11 18.28
CA LEU D 77 3.27 -9.87 17.47
C LEU D 77 3.94 -10.95 18.32
N ILE D 78 3.77 -12.21 17.90
CA ILE D 78 4.34 -13.33 18.65
C ILE D 78 5.43 -13.99 17.84
N LEU D 79 6.56 -14.20 18.50
CA LEU D 79 7.65 -14.98 17.97
C LEU D 79 7.66 -16.28 18.79
N GLU D 80 7.28 -17.39 18.16
CA GLU D 80 7.22 -18.70 18.84
C GLU D 80 8.63 -19.17 19.19
N LEU D 81 9.50 -19.23 18.19
CA LEU D 81 10.90 -19.64 18.38
C LEU D 81 11.84 -18.53 17.89
N ALA D 82 12.18 -17.62 18.79
CA ALA D 82 12.99 -16.46 18.45
C ALA D 82 14.40 -16.82 17.96
N THR D 83 14.83 -16.12 16.90
CA THR D 83 16.19 -16.27 16.38
C THR D 83 16.91 -14.91 16.37
N PRO D 84 18.26 -14.92 16.34
CA PRO D 84 19.03 -13.68 16.36
C PRO D 84 18.72 -12.70 15.21
N SER D 85 18.28 -13.22 14.06
CA SER D 85 17.95 -12.38 12.92
C SER D 85 16.70 -11.55 13.21
N GLN D 86 16.07 -11.82 14.35
CA GLN D 86 14.88 -11.09 14.75
C GLN D 86 15.21 -9.95 15.71
N THR D 87 16.48 -9.75 16.00
CA THR D 87 16.95 -8.55 16.65
C THR D 87 16.56 -7.38 15.74
N SER D 88 15.73 -6.47 16.25
CA SER D 88 15.34 -5.28 15.50
C SER D 88 14.69 -4.25 16.41
N VAL D 89 14.26 -3.14 15.83
CA VAL D 89 13.35 -2.24 16.52
C VAL D 89 12.00 -2.46 15.85
N TYR D 90 10.97 -2.75 16.64
CA TYR D 90 9.67 -3.08 16.08
C TYR D 90 8.72 -1.93 16.32
N PHE D 91 8.00 -1.55 15.27
CA PHE D 91 7.02 -0.47 15.37
C PHE D 91 5.62 -0.95 15.07
N CYS D 92 4.69 -0.49 15.88
CA CYS D 92 3.28 -0.80 15.69
C CYS D 92 2.59 0.45 15.18
N ALA D 93 1.57 0.26 14.34
CA ALA D 93 0.76 1.40 13.87
C ALA D 93 -0.71 1.10 13.88
N SER D 94 -1.53 2.15 13.93
CA SER D 94 -2.99 2.01 13.78
C SER D 94 -3.59 3.07 12.85
N GLY D 95 -4.78 2.79 12.33
CA GLY D 95 -5.49 3.75 11.46
C GLY D 95 -6.96 3.43 11.21
N ASP D 96 -7.75 4.48 10.92
CA ASP D 96 -9.13 4.27 10.43
C ASP D 96 -9.11 4.08 8.93
N GLU D 97 -10.16 4.52 8.25
CA GLU D 97 -10.27 4.33 6.80
C GLU D 97 -9.26 5.18 6.02
N GLY D 98 -8.64 6.15 6.69
CA GLY D 98 -7.74 7.10 6.05
C GLY D 98 -6.36 6.54 5.74
N TYR D 99 -5.54 7.34 5.09
CA TYR D 99 -4.19 6.88 4.76
C TYR D 99 -3.20 7.00 5.92
N THR D 100 -3.43 7.92 6.86
CA THR D 100 -2.51 8.14 7.98
C THR D 100 -2.40 6.93 8.88
N GLN D 101 -1.17 6.53 9.16
CA GLN D 101 -0.89 5.54 10.21
C GLN D 101 -0.17 6.22 11.36
N TYR D 102 -0.72 6.02 12.54
CA TYR D 102 -0.20 6.60 13.76
C TYR D 102 0.67 5.52 14.38
N PHE D 103 1.92 5.87 14.66
CA PHE D 103 2.92 4.90 15.06
C PHE D 103 3.16 4.95 16.55
N GLY D 104 3.53 3.81 17.12
CA GLY D 104 3.90 3.75 18.52
C GLY D 104 5.36 4.13 18.67
N PRO D 105 5.87 4.12 19.91
CA PRO D 105 7.23 4.57 20.20
C PRO D 105 8.33 3.55 19.80
N GLY D 106 7.93 2.39 19.33
CA GLY D 106 8.89 1.36 18.97
C GLY D 106 9.34 0.53 20.15
N THR D 107 9.70 -0.73 19.87
CA THR D 107 10.19 -1.68 20.86
C THR D 107 11.50 -2.28 20.37
N ARG D 108 12.57 -2.12 21.15
CA ARG D 108 13.82 -2.78 20.78
C ARG D 108 13.88 -4.18 21.36
N LEU D 109 14.20 -5.15 20.50
CA LEU D 109 14.43 -6.53 20.91
C LEU D 109 15.83 -6.97 20.54
N LEU D 110 16.47 -7.70 21.44
CA LEU D 110 17.74 -8.37 21.15
C LEU D 110 17.61 -9.84 21.48
N VAL D 111 17.92 -10.70 20.51
CA VAL D 111 17.91 -12.13 20.73
C VAL D 111 19.34 -12.65 20.73
N LEU D 112 19.73 -13.29 21.83
CA LEU D 112 21.09 -13.80 22.00
C LEU D 112 21.13 -15.32 21.96
N GLU D 113 22.27 -15.87 21.56
CA GLU D 113 22.47 -17.32 21.58
C GLU D 113 22.23 -17.83 23.00
N ASP D 114 22.85 -17.17 23.97
CA ASP D 114 22.78 -17.58 25.38
C ASP D 114 22.72 -16.37 26.32
N LEU D 115 22.24 -16.60 27.55
CA LEU D 115 22.06 -15.54 28.52
C LEU D 115 23.11 -15.52 29.63
N ARG D 116 24.07 -16.42 29.54
CA ARG D 116 25.10 -16.60 30.58
C ARG D 116 25.79 -15.28 30.98
N ASN D 117 25.96 -14.39 30.01
CA ASN D 117 26.75 -13.19 30.22
C ASN D 117 26.00 -12.00 30.80
N VAL D 118 24.66 -12.07 30.81
CA VAL D 118 23.82 -10.96 31.26
C VAL D 118 24.22 -10.51 32.67
N THR D 119 24.45 -9.21 32.82
CA THR D 119 24.85 -8.62 34.09
C THR D 119 24.21 -7.24 34.20
N PRO D 120 23.65 -6.92 35.37
CA PRO D 120 23.14 -5.57 35.58
C PRO D 120 24.31 -4.62 35.83
N PRO D 121 24.09 -3.31 35.63
CA PRO D 121 25.19 -2.36 35.81
C PRO D 121 25.43 -1.95 37.26
N LYS D 122 26.61 -1.36 37.52
CA LYS D 122 26.89 -0.70 38.79
C LYS D 122 26.97 0.81 38.52
N VAL D 123 26.28 1.60 39.32
CA VAL D 123 26.14 3.02 39.00
C VAL D 123 26.82 3.89 40.04
N SER D 124 27.58 4.88 39.58
CA SER D 124 28.26 5.83 40.46
C SER D 124 27.97 7.23 40.02
N LEU D 125 27.85 8.14 40.98
CA LEU D 125 27.62 9.54 40.68
C LEU D 125 28.82 10.31 41.16
N PHE D 126 29.33 11.18 40.29
CA PHE D 126 30.54 11.92 40.59
C PHE D 126 30.22 13.40 40.79
N GLU D 127 30.55 13.89 41.98
CA GLU D 127 30.21 15.26 42.40
C GLU D 127 31.07 16.30 41.68
N PRO D 128 30.43 17.40 41.22
CA PRO D 128 31.10 18.46 40.46
C PRO D 128 32.33 19.05 41.12
N SER D 129 33.32 19.38 40.28
CA SER D 129 34.59 19.95 40.72
C SER D 129 34.46 21.35 41.27
N LYS D 130 35.04 21.57 42.44
CA LYS D 130 35.05 22.87 43.11
C LYS D 130 35.78 23.92 42.25
N ALA D 131 36.77 23.45 41.51
CA ALA D 131 37.52 24.26 40.55
C ALA D 131 36.64 24.67 39.38
N GLU D 132 35.81 23.76 38.88
CA GLU D 132 34.85 24.13 37.85
C GLU D 132 33.90 25.20 38.36
N ILE D 133 33.17 24.89 39.44
CA ILE D 133 32.26 25.84 40.07
C ILE D 133 32.81 27.28 40.02
N SER D 134 34.06 27.45 40.46
CA SER D 134 34.63 28.77 40.67
C SER D 134 35.24 29.39 39.40
N HIS D 135 35.31 28.62 38.32
CA HIS D 135 35.86 29.13 37.06
C HIS D 135 34.78 29.47 36.04
N THR D 136 33.65 28.77 36.12
CA THR D 136 32.60 28.81 35.11
C THR D 136 31.30 29.32 35.69
N GLN D 137 31.14 29.13 37.00
CA GLN D 137 29.88 29.30 37.71
C GLN D 137 28.87 28.23 37.31
N LYS D 138 29.39 27.08 36.91
CA LYS D 138 28.55 25.93 36.52
C LYS D 138 29.08 24.64 37.15
N ALA D 139 28.17 23.73 37.49
CA ALA D 139 28.54 22.46 38.10
C ALA D 139 28.14 21.29 37.24
N THR D 140 29.11 20.46 36.86
CA THR D 140 28.82 19.28 36.05
C THR D 140 28.92 18.02 36.89
N LEU D 141 27.78 17.35 37.06
CA LEU D 141 27.74 16.03 37.65
C LEU D 141 28.05 14.98 36.57
N VAL D 142 28.73 13.89 36.94
CA VAL D 142 28.95 12.81 36.00
C VAL D 142 28.50 11.49 36.58
N CYS D 143 27.86 10.69 35.72
CA CYS D 143 27.34 9.41 36.09
C CYS D 143 27.98 8.29 35.30
N LEU D 144 28.16 7.13 35.93
CA LEU D 144 28.83 6.01 35.31
C LEU D 144 28.14 4.69 35.56
N ALA D 145 27.56 4.14 34.50
CA ALA D 145 27.06 2.77 34.54
C ALA D 145 28.17 1.86 33.99
N THR D 146 28.56 0.85 34.75
CA THR D 146 29.69 0.01 34.34
C THR D 146 29.47 -1.47 34.61
N GLY D 147 30.04 -2.31 33.77
CA GLY D 147 30.07 -3.76 34.00
C GLY D 147 28.80 -4.50 33.64
N PHE D 148 27.98 -3.91 32.78
CA PHE D 148 26.71 -4.50 32.41
C PHE D 148 26.77 -5.10 31.03
N TYR D 149 25.85 -6.03 30.78
CA TYR D 149 25.71 -6.70 29.50
C TYR D 149 24.27 -7.18 29.41
N PRO D 150 23.65 -7.08 28.23
CA PRO D 150 24.03 -6.40 26.98
C PRO D 150 23.71 -4.90 27.01
N ASP D 151 23.99 -4.19 25.90
CA ASP D 151 23.97 -2.72 25.88
C ASP D 151 22.57 -2.07 25.89
N HIS D 152 21.64 -2.71 26.60
CA HIS D 152 20.26 -2.26 26.64
C HIS D 152 19.95 -1.60 27.96
N VAL D 153 20.35 -0.33 28.05
CA VAL D 153 20.11 0.49 29.23
C VAL D 153 19.55 1.84 28.81
N GLU D 154 18.76 2.42 29.73
CA GLU D 154 18.24 3.75 29.56
C GLU D 154 18.66 4.58 30.76
N LEU D 155 19.53 5.56 30.53
CA LEU D 155 20.02 6.43 31.61
C LEU D 155 19.14 7.66 31.67
N SER D 156 18.72 8.04 32.88
CA SER D 156 17.87 9.22 33.05
C SER D 156 18.33 10.01 34.26
N TRP D 157 18.16 11.33 34.22
CA TRP D 157 18.53 12.18 35.33
C TRP D 157 17.30 12.73 36.02
N TRP D 158 17.32 12.67 37.35
CA TRP D 158 16.17 13.08 38.15
C TRP D 158 16.59 14.08 39.20
N VAL D 159 15.92 15.23 39.20
CA VAL D 159 16.12 16.22 40.24
C VAL D 159 14.82 16.41 41.02
N ASN D 160 14.92 16.19 42.33
CA ASN D 160 13.80 16.20 43.25
C ASN D 160 12.61 15.41 42.77
N GLY D 161 12.86 14.19 42.31
CA GLY D 161 11.81 13.28 41.88
C GLY D 161 11.19 13.65 40.55
N LYS D 162 11.82 14.59 39.84
CA LYS D 162 11.37 14.90 38.48
C LYS D 162 12.53 14.81 37.48
N GLU D 163 12.22 14.30 36.29
CA GLU D 163 13.22 14.07 35.28
C GLU D 163 13.65 15.39 34.65
N VAL D 164 14.97 15.56 34.52
CA VAL D 164 15.55 16.74 33.86
C VAL D 164 16.10 16.36 32.51
N HIS D 165 15.96 17.24 31.53
CA HIS D 165 16.46 17.00 30.18
C HIS D 165 17.41 18.10 29.77
N SER D 166 17.12 19.31 30.25
CA SER D 166 17.99 20.44 30.02
C SER D 166 19.33 20.19 30.71
N GLY D 167 20.41 20.37 29.96
CA GLY D 167 21.77 20.25 30.48
C GLY D 167 22.22 18.82 30.61
N VAL D 168 21.52 17.92 29.95
CA VAL D 168 21.86 16.51 29.99
C VAL D 168 22.59 16.12 28.72
N CYS D 169 23.57 15.24 28.85
CA CYS D 169 24.18 14.59 27.69
C CYS D 169 24.71 13.18 27.96
N THR D 170 24.18 12.20 27.24
CA THR D 170 24.54 10.80 27.43
C THR D 170 25.21 10.19 26.21
N ASP D 171 26.35 9.53 26.43
CA ASP D 171 27.12 8.90 25.34
C ASP D 171 26.17 8.26 24.34
N PRO D 172 26.38 8.52 23.03
CA PRO D 172 25.48 7.97 22.01
C PRO D 172 25.43 6.46 22.09
N GLN D 173 26.60 5.83 22.18
CA GLN D 173 26.70 4.38 22.42
C GLN D 173 27.55 4.09 23.66
N PRO D 174 27.30 2.94 24.32
CA PRO D 174 28.17 2.51 25.42
C PRO D 174 29.49 1.99 24.87
N LEU D 175 30.54 2.02 25.68
CA LEU D 175 31.83 1.49 25.26
C LEU D 175 32.14 0.12 25.89
N LYS D 176 32.75 -0.75 25.12
CA LYS D 176 33.20 -2.04 25.64
C LYS D 176 34.38 -1.82 26.57
N GLU D 177 34.32 -2.43 27.76
CA GLU D 177 35.44 -2.33 28.70
C GLU D 177 36.53 -3.38 28.45
N GLN D 178 36.18 -4.42 27.69
CA GLN D 178 37.15 -5.42 27.31
C GLN D 178 37.02 -5.73 25.81
N PRO D 179 37.35 -4.75 24.93
CA PRO D 179 37.14 -4.85 23.48
C PRO D 179 37.59 -6.17 22.84
N ALA D 180 38.59 -6.82 23.41
CA ALA D 180 39.08 -8.11 22.90
C ALA D 180 38.11 -9.30 23.11
N LEU D 181 36.86 -9.01 23.48
CA LEU D 181 35.89 -10.05 23.86
C LEU D 181 34.55 -10.06 23.10
N ASN D 182 34.23 -11.23 22.56
CA ASN D 182 32.94 -11.55 21.94
C ASN D 182 31.74 -11.44 22.88
N ASP D 183 32.01 -11.46 24.19
CA ASP D 183 30.97 -11.39 25.20
C ASP D 183 31.22 -10.23 26.20
N SER D 184 32.09 -9.30 25.81
CA SER D 184 32.49 -8.17 26.67
C SER D 184 31.33 -7.41 27.32
N ARG D 185 31.59 -6.89 28.51
CA ARG D 185 30.64 -6.03 29.21
C ARG D 185 30.79 -4.57 28.79
N TYR D 186 29.79 -3.75 29.10
CA TYR D 186 29.76 -2.33 28.67
C TYR D 186 29.84 -1.31 29.79
N SER D 187 30.25 -0.10 29.41
CA SER D 187 30.23 1.05 30.31
C SER D 187 29.65 2.25 29.58
N LEU D 188 28.93 3.10 30.29
CA LEU D 188 28.26 4.21 29.67
C LEU D 188 28.29 5.41 30.60
N SER D 189 28.61 6.58 30.06
CA SER D 189 28.74 7.80 30.87
C SER D 189 27.70 8.85 30.52
N SER D 190 27.44 9.74 31.47
CA SER D 190 26.49 10.83 31.24
C SER D 190 26.86 12.06 32.03
N ARG D 191 26.51 13.22 31.48
CA ARG D 191 26.78 14.51 32.11
C ARG D 191 25.51 15.29 32.40
N LEU D 192 25.48 15.91 33.57
CA LEU D 192 24.43 16.87 33.94
C LEU D 192 25.04 18.16 34.50
N ARG D 193 24.96 19.24 33.71
CA ARG D 193 25.51 20.52 34.13
C ARG D 193 24.40 21.46 34.55
N VAL D 194 24.57 22.03 35.73
CA VAL D 194 23.61 23.00 36.27
C VAL D 194 24.34 24.26 36.73
N SER D 195 23.59 25.29 37.09
CA SER D 195 24.17 26.51 37.63
C SER D 195 24.75 26.20 39.01
N ALA D 196 25.85 26.88 39.34
CA ALA D 196 26.50 26.68 40.64
C ALA D 196 25.51 26.87 41.80
N THR D 197 24.64 27.88 41.69
CA THR D 197 23.62 28.14 42.70
C THR D 197 22.68 26.97 42.88
N PHE D 198 22.44 26.22 41.82
CA PHE D 198 21.56 25.08 41.89
C PHE D 198 22.21 23.95 42.66
N TRP D 199 23.43 23.60 42.27
CA TRP D 199 24.19 22.55 42.95
C TRP D 199 24.51 22.88 44.41
N GLN D 200 24.76 24.15 44.71
CA GLN D 200 25.13 24.54 46.08
C GLN D 200 23.95 24.51 47.04
N ASN D 201 22.75 24.33 46.49
CA ASN D 201 21.53 24.21 47.29
C ASN D 201 21.46 22.83 47.95
N PRO D 202 21.55 22.79 49.29
CA PRO D 202 21.54 21.52 50.02
C PRO D 202 20.19 20.80 49.99
N ARG D 203 19.18 21.43 49.40
CA ARG D 203 17.83 20.87 49.38
C ARG D 203 17.46 20.34 48.02
N ASN D 204 18.44 20.30 47.11
CA ASN D 204 18.26 19.67 45.82
C ASN D 204 18.88 18.28 45.76
N HIS D 205 18.03 17.27 45.57
CA HIS D 205 18.44 15.88 45.52
C HIS D 205 18.70 15.53 44.07
N PHE D 206 19.91 15.07 43.77
CA PHE D 206 20.28 14.67 42.42
C PHE D 206 20.33 13.17 42.30
N ARG D 207 19.83 12.65 41.18
CA ARG D 207 19.84 11.20 41.01
C ARG D 207 20.00 10.73 39.58
N CYS D 208 21.09 9.99 39.37
CA CYS D 208 21.33 9.28 38.13
C CYS D 208 20.69 7.90 38.23
N GLN D 209 19.94 7.53 37.20
CA GLN D 209 19.15 6.30 37.20
C GLN D 209 19.32 5.49 35.95
N VAL D 210 19.83 4.26 36.09
CA VAL D 210 19.95 3.35 34.95
C VAL D 210 18.88 2.27 34.98
N GLN D 211 18.12 2.20 33.90
CA GLN D 211 17.12 1.17 33.74
C GLN D 211 17.74 0.09 32.87
N PHE D 212 18.08 -1.02 33.50
CA PHE D 212 18.66 -2.15 32.80
C PHE D 212 17.57 -3.10 32.29
N TYR D 213 17.78 -3.68 31.11
CA TYR D 213 16.90 -4.72 30.61
C TYR D 213 17.63 -6.05 30.57
N GLY D 214 17.15 -7.01 31.36
CA GLY D 214 17.73 -8.34 31.44
C GLY D 214 16.70 -9.46 31.40
N LEU D 215 16.91 -10.47 32.23
CA LEU D 215 16.00 -11.62 32.29
C LEU D 215 14.69 -11.28 32.98
N SER D 216 13.62 -11.95 32.59
CA SER D 216 12.36 -11.83 33.32
C SER D 216 12.36 -12.90 34.41
N GLU D 217 11.39 -12.82 35.34
CA GLU D 217 11.25 -13.86 36.36
C GLU D 217 10.87 -15.22 35.76
N ASN D 218 10.43 -15.21 34.50
CA ASN D 218 10.06 -16.44 33.81
C ASN D 218 11.21 -17.05 33.00
N ASP D 219 12.41 -16.48 33.17
CA ASP D 219 13.63 -16.98 32.53
C ASP D 219 14.42 -17.85 33.51
N GLU D 220 15.07 -18.89 32.97
CA GLU D 220 15.84 -19.86 33.77
C GLU D 220 17.19 -19.31 34.21
N TRP D 221 17.70 -19.75 35.35
CA TRP D 221 19.00 -19.25 35.84
C TRP D 221 19.79 -20.28 36.63
N THR D 222 20.71 -20.95 35.94
CA THR D 222 21.51 -22.02 36.55
C THR D 222 22.67 -21.49 37.39
N GLN D 223 23.31 -20.42 36.92
CA GLN D 223 24.46 -19.81 37.57
C GLN D 223 24.23 -19.49 39.03
N ASP D 224 25.33 -19.51 39.78
CA ASP D 224 25.35 -19.33 41.22
C ASP D 224 24.96 -17.91 41.62
N ARG D 225 25.60 -16.93 40.99
CA ARG D 225 25.37 -15.51 41.28
C ARG D 225 23.91 -15.05 41.15
N ALA D 226 23.60 -13.93 41.80
CA ALA D 226 22.28 -13.30 41.75
C ALA D 226 21.76 -13.12 40.32
N LYS D 227 20.54 -13.62 40.09
CA LYS D 227 19.85 -13.57 38.78
C LYS D 227 19.68 -12.15 38.23
N PRO D 228 20.22 -11.88 37.02
CA PRO D 228 20.31 -10.55 36.42
C PRO D 228 19.01 -10.11 35.74
N VAL D 229 17.98 -9.92 36.56
CA VAL D 229 16.66 -9.50 36.08
C VAL D 229 16.66 -8.06 35.57
N THR D 230 15.68 -7.74 34.72
CA THR D 230 15.37 -6.36 34.39
C THR D 230 15.21 -5.62 35.71
N GLN D 231 15.84 -4.45 35.83
CA GLN D 231 15.86 -3.72 37.09
C GLN D 231 16.43 -2.32 36.96
N ILE D 232 16.27 -1.53 38.01
CA ILE D 232 16.87 -0.21 38.07
C ILE D 232 18.06 -0.20 39.04
N VAL D 233 19.20 0.29 38.56
CA VAL D 233 20.28 0.65 39.46
C VAL D 233 20.46 2.15 39.41
N SER D 234 20.62 2.77 40.57
CA SER D 234 20.65 4.22 40.68
C SER D 234 21.70 4.72 41.68
N ALA D 235 22.18 5.93 41.44
CA ALA D 235 23.07 6.63 42.36
C ALA D 235 22.56 8.05 42.58
N GLU D 236 22.93 8.62 43.72
CA GLU D 236 22.22 9.74 44.32
C GLU D 236 23.22 10.63 45.04
N ALA D 237 22.97 11.94 45.04
CA ALA D 237 23.70 12.90 45.91
C ALA D 237 22.92 14.19 46.14
N TRP D 238 23.11 14.79 47.32
CA TRP D 238 22.50 16.07 47.62
C TRP D 238 23.41 17.25 47.26
N GLY D 239 22.80 18.34 46.83
CA GLY D 239 23.53 19.58 46.67
C GLY D 239 24.19 20.01 47.98
N ARG D 240 25.31 20.70 47.88
CA ARG D 240 26.13 21.09 49.04
C ARG D 240 26.92 22.38 48.78
N ALA D 241 26.84 23.30 49.74
CA ALA D 241 27.49 24.62 49.66
C ALA D 241 28.92 24.59 49.13
C1 NAG E . -19.77 16.13 -11.47
C2 NAG E . -19.35 17.31 -10.61
C3 NAG E . -19.97 17.20 -9.22
C4 NAG E . -21.49 17.04 -9.29
C5 NAG E . -21.87 15.98 -10.33
C6 NAG E . -23.39 15.93 -10.59
C7 NAG E . -17.15 18.10 -11.37
C8 NAG E . -15.67 18.11 -11.13
N2 NAG E . -17.89 17.40 -10.51
O3 NAG E . -19.66 18.34 -8.48
O4 NAG E . -21.93 16.60 -8.03
O5 NAG E . -21.18 16.15 -11.57
O6 NAG E . -23.65 15.12 -11.72
O7 NAG E . -17.62 18.72 -12.32
C1 NAG E . -22.66 17.61 -7.30
C2 NAG E . -23.69 16.94 -6.36
C3 NAG E . -24.25 17.91 -5.33
C4 NAG E . -23.21 18.82 -4.70
C5 NAG E . -22.30 19.43 -5.77
C6 NAG E . -21.15 20.24 -5.19
C7 NAG E . -25.21 15.10 -7.01
C8 NAG E . -26.38 14.69 -7.87
N2 NAG E . -24.80 16.37 -7.11
O3 NAG E . -24.86 17.15 -4.32
O4 NAG E . -23.87 19.82 -3.94
O5 NAG E . -21.75 18.38 -6.56
O6 NAG E . -20.01 19.43 -4.98
O7 NAG E . -24.70 14.27 -6.26
C1 FUC E . -24.12 13.78 -11.41
C2 FUC E . -24.84 13.16 -12.61
C3 FUC E . -23.80 12.83 -13.70
C4 FUC E . -22.77 11.82 -13.14
C5 FUC E . -22.14 12.44 -11.88
C6 FUC E . -21.15 11.50 -11.22
O2 FUC E . -25.87 14.02 -13.07
O3 FUC E . -24.35 12.40 -14.94
O4 FUC E . -23.35 10.56 -12.87
O5 FUC E . -23.13 12.86 -10.94
C1 NAG F . -6.93 -21.00 -7.38
C2 NAG F . -6.39 -22.44 -7.27
C3 NAG F . -5.76 -22.85 -8.61
C4 NAG F . -6.86 -22.85 -9.66
C5 NAG F . -7.35 -21.40 -9.77
C6 NAG F . -8.48 -21.28 -10.81
C7 NAG F . -5.53 -22.47 -4.90
C8 NAG F . -4.32 -22.81 -4.09
N2 NAG F . -5.40 -22.66 -6.22
O3 NAG F . -5.12 -24.11 -8.52
O4 NAG F . -6.40 -23.37 -10.89
O5 NAG F . -7.80 -20.90 -8.51
O6 NAG F . -9.67 -21.86 -10.34
O7 NAG F . -6.54 -22.04 -4.33
C1 NAG G . -3.98 -11.31 -15.34
C2 NAG G . -3.33 -12.63 -14.94
C3 NAG G . -2.47 -12.51 -13.67
C4 NAG G . -1.42 -11.39 -13.84
C5 NAG G . -2.16 -10.11 -14.25
C6 NAG G . -1.15 -9.03 -14.65
C7 NAG G . -4.38 -14.72 -15.56
C8 NAG G . -5.45 -15.71 -15.25
N2 NAG G . -4.31 -13.67 -14.76
O3 NAG G . -1.87 -13.76 -13.44
O4 NAG G . -0.56 -11.22 -12.71
O5 NAG G . -2.99 -10.31 -15.39
O6 NAG G . -1.29 -8.82 -16.03
O7 NAG G . -3.63 -14.92 -16.52
C1A QUX H . -4.82 5.90 -6.20
C2A QUX H . -5.12 6.81 -5.01
O2A QUX H . -5.84 6.07 -4.02
C3A QUX H . -5.90 8.08 -5.46
O3A QUX H . -6.11 8.97 -4.35
C4A QUX H . -5.19 8.86 -6.58
O4A QUX H . -4.16 9.67 -6.04
C5M QUX H . -4.66 7.91 -7.68
O5M QUX H . -3.28 7.78 -9.66
C6A QUX H . -3.56 8.60 -8.51
O6A QUX H . -4.10 6.65 -7.19
CAG QUX H . -6.10 5.34 -6.82
CAL QUX H . -5.96 3.87 -7.19
CAM QUX H . -7.29 3.30 -7.73
CAN QUX H . -8.05 2.59 -6.62
CAO QUX H . -9.56 2.67 -6.75
CAP QUX H . -10.15 1.46 -7.53
CAQ QUX H . -11.56 1.79 -8.03
CAR QUX H . -12.38 0.52 -8.30
CAS QUX H . -13.89 0.80 -8.35
CAT QUX H . -14.56 0.38 -7.03
CAU QUX H . -16.01 -0.09 -7.20
CAV QUX H . -16.55 -0.61 -5.87
CAW QUX H . -16.46 -2.13 -5.77
CAX QUX H . -16.74 -2.59 -4.33
CAY QUX H . -16.99 -4.09 -4.27
CAZ QUX H . -16.81 -4.65 -2.86
CBA QUX H . -16.30 -6.08 -2.86
CBB QUX H . -15.57 -6.37 -1.56
CBC QUX H . -15.76 -7.82 -1.10
OBD QUX H . -7.72 1.22 -6.63
OBE QUX H . -10.07 2.71 -5.41
NBF QUX H . -8.11 4.37 -8.34
CBG QUX H . -7.96 4.77 -9.61
OBH QUX H . -7.13 4.31 -10.42
CBI QUX H . -8.90 5.91 -10.01
CBK QUX H . -9.14 5.90 -11.51
CBL QUX H . -10.62 5.85 -11.81
CBM QUX H . -11.14 4.42 -11.81
CBN QUX H . -12.58 4.41 -12.33
CBO QUX H . -12.82 3.18 -13.21
CBP QUX H . -13.93 3.48 -14.19
CBQ QUX H . -14.54 2.19 -14.74
CBR QUX H . -13.83 1.76 -16.02
CBS QUX H . -14.23 0.34 -16.42
CBT QUX H . -13.07 -0.33 -17.13
CBU QUX H . -13.20 -0.14 -18.63
CBV QUX H . -11.83 0.06 -19.26
CBW QUX H . -11.97 0.18 -20.77
CBX QUX H . -10.88 1.07 -21.34
CBY QUX H . -11.37 1.75 -22.59
CBZ QUX H . -11.86 3.16 -22.25
CCA QUX H . -11.74 4.10 -23.45
CCB QUX H . -12.75 5.26 -23.34
CCC QUX H . -12.41 6.24 -22.21
CCD QUX H . -13.67 6.93 -21.69
CCE QUX H . -14.18 6.26 -20.41
CCF QUX H . -15.21 7.14 -19.68
CCG QUX H . -16.21 6.28 -18.85
CCH QUX H . -15.55 5.66 -17.59
#